data_5S6Z
#
_entry.id   5S6Z
#
_cell.length_a   150.190
_cell.length_b   150.190
_cell.length_c   113.110
_cell.angle_alpha   90.000
_cell.angle_beta   90.000
_cell.angle_gamma   120.000
#
_symmetry.space_group_name_H-M   'P 63'
#
loop_
_entity.id
_entity.type
_entity.pdbx_description
1 polymer 'Uridylate-specific endoribonuclease'
2 non-polymer 'CITRIC ACID'
3 non-polymer 4-[(dimethylamino)methyl]-1,3-thiazol-2-amine
4 water water
#
_entity_poly.entity_id   1
_entity_poly.type   'polypeptide(L)'
_entity_poly.pdbx_seq_one_letter_code
;GAMSLENVAFNVVNKGHFDGQQGEVPVSIINNTVYTKVDGVDVELFENKTTLPVNVAFELWAKRNIKPVPEVKILNNLGV
DIAANTVIWDYKRDAPAHISTIGVCSMTDIAKKPTETICAPLTVFFDGRVDGQVDLFRNARNGVLITEGSVKGLQPSVGP
KQASLNGVTLIGEAVKTQFNYYKKVDGVVQQLPETYFTQSRNLQEFKPRSQMEIDFLELAMDEFIERYKLEGYAFEHIVY
GDFSHSQLGGLHLLIGLAKRFKESPFELEDFIPMDSTVKNYFITDAQTGSSKCVCSVIDLLLDDFVEIIKSQDLSVVSKV
VKVTIDYTEISFMLWCKDGHVETFYPKLQ
;
_entity_poly.pdbx_strand_id   A,B
#
loop_
_chem_comp.id
_chem_comp.type
_chem_comp.name
_chem_comp.formula
CIT non-polymer 'CITRIC ACID' 'C6 H8 O7'
WUM non-polymer 4-[(dimethylamino)methyl]-1,3-thiazol-2-amine 'C6 H11 N3 S'
#
# COMPACT_ATOMS: atom_id res chain seq x y z
N ALA A 2 4.95 34.36 14.98
CA ALA A 2 6.37 34.72 14.96
C ALA A 2 7.00 34.64 13.53
N MET A 3 6.14 34.52 12.49
CA MET A 3 6.58 34.51 11.11
C MET A 3 6.86 35.97 10.65
N SER A 4 7.98 36.17 9.95
CA SER A 4 8.36 37.49 9.48
C SER A 4 9.26 37.41 8.25
N LEU A 5 9.34 38.52 7.52
CA LEU A 5 10.19 38.64 6.34
C LEU A 5 11.67 38.40 6.73
N GLU A 6 12.09 39.03 7.82
CA GLU A 6 13.45 38.98 8.34
C GLU A 6 13.81 37.60 8.88
N ASN A 7 12.83 36.87 9.44
CA ASN A 7 13.02 35.52 9.89
C ASN A 7 13.10 34.54 8.71
N VAL A 8 12.27 34.73 7.66
CA VAL A 8 12.35 33.88 6.47
C VAL A 8 13.74 34.07 5.82
N ALA A 9 14.20 35.33 5.74
CA ALA A 9 15.49 35.69 5.18
C ALA A 9 16.64 35.12 5.98
N PHE A 10 16.53 35.12 7.32
CA PHE A 10 17.52 34.55 8.22
C PHE A 10 17.65 33.05 7.92
N ASN A 11 16.51 32.37 7.77
CA ASN A 11 16.51 30.94 7.46
C ASN A 11 17.13 30.67 6.12
N VAL A 12 16.83 31.48 5.08
CA VAL A 12 17.42 31.31 3.76
C VAL A 12 18.94 31.45 3.84
N VAL A 13 19.45 32.54 4.45
CA VAL A 13 20.88 32.81 4.62
C VAL A 13 21.62 31.70 5.38
N ASN A 14 21.07 31.24 6.50
CA ASN A 14 21.74 30.26 7.35
C ASN A 14 21.42 28.79 7.09
N LYS A 15 20.25 28.47 6.55
CA LYS A 15 19.83 27.10 6.34
C LYS A 15 19.61 26.70 4.88
N GLY A 16 19.80 27.64 3.96
CA GLY A 16 19.59 27.41 2.53
C GLY A 16 18.13 27.40 2.10
N HIS A 17 17.21 27.50 3.07
CA HIS A 17 15.76 27.46 2.90
C HIS A 17 15.10 27.69 4.27
N PHE A 18 13.75 27.73 4.31
CA PHE A 18 13.05 27.89 5.59
C PHE A 18 13.15 26.59 6.40
N ASP A 19 13.70 26.68 7.59
CA ASP A 19 13.92 25.53 8.46
C ASP A 19 13.37 25.73 9.89
N GLY A 20 12.46 26.69 10.07
CA GLY A 20 11.85 26.96 11.36
C GLY A 20 12.79 27.49 12.42
N GLN A 21 13.95 28.00 12.02
CA GLN A 21 14.93 28.53 12.96
C GLN A 21 14.58 29.93 13.42
N GLN A 22 15.07 30.32 14.59
CA GLN A 22 14.83 31.65 15.12
C GLN A 22 15.93 32.58 14.67
N GLY A 23 15.59 33.85 14.45
CA GLY A 23 16.58 34.83 14.04
C GLY A 23 16.08 35.74 12.94
N GLU A 24 16.77 36.86 12.76
CA GLU A 24 16.42 37.86 11.76
C GLU A 24 17.67 38.40 11.11
N VAL A 25 17.59 38.75 9.81
CA VAL A 25 18.66 39.43 9.07
C VAL A 25 18.08 40.70 8.46
N PRO A 26 18.90 41.77 8.25
CA PRO A 26 18.35 42.99 7.62
C PRO A 26 18.01 42.73 6.17
N VAL A 27 16.79 43.10 5.77
CA VAL A 27 16.29 42.88 4.42
C VAL A 27 15.93 44.19 3.76
N SER A 28 16.13 44.26 2.45
CA SER A 28 15.64 45.37 1.67
C SER A 28 14.93 44.83 0.42
N ILE A 29 13.76 45.38 0.16
CA ILE A 29 12.96 44.98 -0.99
C ILE A 29 12.97 46.09 -2.01
N ILE A 30 13.42 45.78 -3.22
CA ILE A 30 13.43 46.77 -4.29
C ILE A 30 13.05 46.02 -5.57
N ASN A 31 12.23 46.59 -6.47
N ASN A 31 11.85 46.47 -5.93
CA ASN A 31 11.90 45.98 -7.80
CA ASN A 31 10.92 46.11 -6.96
C ASN A 31 11.92 44.41 -7.92
C ASN A 31 10.43 44.73 -6.60
N ASN A 32 10.94 43.75 -7.30
CA ASN A 32 10.68 42.35 -7.17
C ASN A 32 11.86 41.56 -6.68
N THR A 33 12.77 42.18 -5.94
CA THR A 33 13.95 41.52 -5.46
C THR A 33 14.12 41.73 -3.98
N VAL A 34 14.51 40.66 -3.30
CA VAL A 34 14.78 40.64 -1.88
C VAL A 34 16.30 40.62 -1.74
N TYR A 35 16.85 41.53 -0.94
CA TYR A 35 18.27 41.58 -0.69
C TYR A 35 18.50 41.49 0.81
N THR A 36 19.73 41.15 1.19
CA THR A 36 20.16 41.16 2.56
C THR A 36 21.51 41.84 2.63
N LYS A 37 21.76 42.55 3.73
CA LYS A 37 23.04 43.21 3.92
C LYS A 37 24.06 42.20 4.42
N VAL A 38 25.16 42.03 3.68
CA VAL A 38 26.26 41.17 4.07
C VAL A 38 27.50 42.03 4.04
N ASP A 39 27.90 42.54 5.22
CA ASP A 39 29.07 43.38 5.43
C ASP A 39 29.02 44.67 4.65
N GLY A 40 27.91 45.37 4.81
CA GLY A 40 27.74 46.68 4.20
C GLY A 40 27.21 46.69 2.79
N VAL A 41 27.17 45.55 2.10
CA VAL A 41 26.63 45.52 0.73
C VAL A 41 25.44 44.59 0.61
N ASP A 42 24.54 44.90 -0.32
CA ASP A 42 23.34 44.10 -0.53
C ASP A 42 23.62 42.92 -1.43
N VAL A 43 23.13 41.77 -1.02
CA VAL A 43 23.27 40.53 -1.76
C VAL A 43 21.88 40.05 -2.09
N GLU A 44 21.63 39.74 -3.36
CA GLU A 44 20.34 39.24 -3.78
C GLU A 44 20.01 37.87 -3.21
N LEU A 45 18.87 37.73 -2.54
CA LEU A 45 18.40 36.45 -2.02
C LEU A 45 17.34 35.82 -2.92
N PHE A 46 16.54 36.64 -3.61
CA PHE A 46 15.41 36.15 -4.37
C PHE A 46 14.91 37.18 -5.35
N GLU A 47 14.63 36.75 -6.57
CA GLU A 47 14.00 37.61 -7.55
C GLU A 47 12.64 36.99 -7.83
N ASN A 48 11.59 37.75 -7.55
CA ASN A 48 10.24 37.33 -7.78
C ASN A 48 9.89 37.25 -9.26
N LYS A 49 9.51 36.05 -9.68
CA LYS A 49 9.06 35.81 -11.05
C LYS A 49 7.58 35.38 -11.06
N THR A 50 6.87 35.55 -9.93
CA THR A 50 5.49 35.18 -9.74
C THR A 50 4.58 36.40 -9.92
N THR A 51 3.28 36.15 -9.95
CA THR A 51 2.29 37.20 -9.97
C THR A 51 1.85 37.58 -8.53
N LEU A 52 2.51 37.01 -7.50
CA LEU A 52 2.23 37.29 -6.10
C LEU A 52 3.14 38.42 -5.67
N PRO A 53 2.82 39.14 -4.56
CA PRO A 53 3.77 40.15 -4.06
C PRO A 53 5.14 39.54 -3.74
N VAL A 54 6.23 40.29 -3.97
CA VAL A 54 7.63 39.86 -3.77
C VAL A 54 7.90 39.19 -2.43
N ASN A 55 7.43 39.78 -1.32
CA ASN A 55 7.66 39.22 0.02
C ASN A 55 6.90 37.92 0.24
N VAL A 56 5.70 37.83 -0.33
CA VAL A 56 4.85 36.65 -0.27
C VAL A 56 5.49 35.50 -1.07
N ALA A 57 5.91 35.78 -2.33
CA ALA A 57 6.55 34.75 -3.14
C ALA A 57 7.86 34.27 -2.53
N PHE A 58 8.59 35.17 -1.85
CA PHE A 58 9.84 34.87 -1.17
C PHE A 58 9.60 33.86 -0.07
N GLU A 59 8.56 34.07 0.74
CA GLU A 59 8.23 33.17 1.83
C GLU A 59 7.82 31.77 1.33
N LEU A 60 7.03 31.73 0.25
CA LEU A 60 6.59 30.47 -0.33
C LEU A 60 7.72 29.71 -0.96
N TRP A 61 8.66 30.43 -1.58
CA TRP A 61 9.82 29.78 -2.15
C TRP A 61 10.71 29.22 -1.01
N ALA A 62 10.94 29.99 0.07
CA ALA A 62 11.70 29.48 1.21
C ALA A 62 11.04 28.25 1.83
N LYS A 63 9.69 28.22 1.84
CA LYS A 63 8.94 27.11 2.42
C LYS A 63 8.61 25.99 1.45
N ARG A 64 9.28 25.95 0.31
CA ARG A 64 9.09 24.91 -0.68
C ARG A 64 9.48 23.53 -0.13
N ASN A 65 8.83 22.50 -0.65
CA ASN A 65 9.10 21.13 -0.28
C ASN A 65 10.48 20.73 -0.85
N ILE A 66 11.40 20.36 0.04
CA ILE A 66 12.73 19.94 -0.35
C ILE A 66 12.92 18.40 -0.32
N LYS A 67 11.82 17.65 -0.31
CA LYS A 67 11.84 16.19 -0.42
C LYS A 67 11.47 15.89 -1.87
N PRO A 68 11.76 14.68 -2.40
CA PRO A 68 11.29 14.38 -3.76
C PRO A 68 9.77 14.42 -3.78
N VAL A 69 9.20 15.18 -4.68
CA VAL A 69 7.76 15.32 -4.78
C VAL A 69 7.30 14.98 -6.17
N PRO A 70 6.02 14.62 -6.36
CA PRO A 70 5.52 14.39 -7.72
C PRO A 70 5.77 15.61 -8.63
N GLU A 71 6.07 15.36 -9.91
CA GLU A 71 6.24 16.43 -10.88
C GLU A 71 4.92 17.16 -11.05
N VAL A 72 4.96 18.49 -11.25
CA VAL A 72 3.76 19.32 -11.36
C VAL A 72 2.77 18.78 -12.40
N LYS A 73 3.26 18.27 -13.55
CA LYS A 73 2.38 17.70 -14.58
C LYS A 73 1.52 16.56 -14.01
N ILE A 74 2.08 15.68 -13.14
CA ILE A 74 1.33 14.59 -12.50
C ILE A 74 0.24 15.16 -11.60
N LEU A 75 0.58 16.12 -10.73
CA LEU A 75 -0.34 16.75 -9.79
C LEU A 75 -1.49 17.43 -10.52
N ASN A 76 -1.19 18.10 -11.65
CA ASN A 76 -2.18 18.81 -12.45
C ASN A 76 -3.10 17.82 -13.11
N ASN A 77 -2.53 16.73 -13.69
CA ASN A 77 -3.29 15.68 -14.36
C ASN A 77 -4.26 14.99 -13.41
N LEU A 78 -3.89 14.89 -12.12
CA LEU A 78 -4.69 14.32 -11.03
C LEU A 78 -5.68 15.31 -10.38
N GLY A 79 -5.69 16.54 -10.84
CA GLY A 79 -6.62 17.56 -10.35
C GLY A 79 -6.28 18.18 -9.01
N VAL A 80 -4.99 18.19 -8.62
CA VAL A 80 -4.57 18.79 -7.36
C VAL A 80 -4.73 20.32 -7.38
N ASP A 81 -5.48 20.88 -6.42
CA ASP A 81 -5.70 22.32 -6.35
C ASP A 81 -4.78 23.00 -5.33
N ILE A 82 -4.39 22.26 -4.27
CA ILE A 82 -3.66 22.81 -3.14
C ILE A 82 -2.91 21.69 -2.42
N ALA A 83 -1.87 22.03 -1.66
CA ALA A 83 -1.13 21.04 -0.87
C ALA A 83 -1.41 21.22 0.60
N ALA A 84 -1.37 20.13 1.35
CA ALA A 84 -1.56 20.20 2.79
C ALA A 84 -0.24 20.52 3.48
N ASN A 85 -0.15 21.70 4.06
CA ASN A 85 0.94 22.18 4.91
C ASN A 85 2.36 22.11 4.28
N THR A 86 2.44 22.33 2.99
CA THR A 86 3.69 22.37 2.25
C THR A 86 3.50 23.26 1.00
N VAL A 87 4.59 23.58 0.30
CA VAL A 87 4.50 24.32 -0.93
C VAL A 87 5.17 23.47 -2.01
N ILE A 88 4.44 23.13 -3.08
CA ILE A 88 5.04 22.44 -4.21
C ILE A 88 5.53 23.54 -5.13
N TRP A 89 6.84 23.74 -5.15
CA TRP A 89 7.42 24.77 -6.00
C TRP A 89 7.51 24.28 -7.44
N ASP A 90 7.04 25.10 -8.35
CA ASP A 90 7.09 24.80 -9.76
C ASP A 90 8.37 25.44 -10.32
N TYR A 91 9.39 24.63 -10.56
CA TYR A 91 10.68 25.12 -11.05
C TYR A 91 10.67 25.51 -12.51
N LYS A 92 9.69 25.03 -13.27
CA LYS A 92 9.52 25.35 -14.68
C LYS A 92 8.91 26.74 -14.82
N ARG A 93 7.94 27.08 -13.98
CA ARG A 93 7.36 28.41 -13.99
C ARG A 93 8.01 29.36 -12.98
N ASP A 94 8.96 28.89 -12.11
CA ASP A 94 9.57 29.73 -11.08
CA ASP A 94 9.57 29.73 -11.08
CA ASP A 94 9.58 29.73 -11.09
C ASP A 94 8.48 30.36 -10.20
N ALA A 95 7.48 29.57 -9.84
CA ALA A 95 6.37 30.04 -9.05
C ALA A 95 5.76 28.90 -8.26
N PRO A 96 4.93 29.19 -7.23
CA PRO A 96 4.26 28.09 -6.52
C PRO A 96 3.34 27.34 -7.50
N ALA A 97 3.24 26.00 -7.40
CA ALA A 97 2.40 25.23 -8.30
C ALA A 97 0.92 25.50 -8.07
N HIS A 98 0.55 25.89 -6.84
CA HIS A 98 -0.82 26.14 -6.44
C HIS A 98 -1.00 27.59 -5.98
N ILE A 99 -2.19 28.16 -6.20
CA ILE A 99 -2.52 29.55 -5.82
C ILE A 99 -2.53 29.80 -4.32
N SER A 100 -3.17 28.91 -3.58
CA SER A 100 -3.33 29.08 -2.15
C SER A 100 -2.54 28.06 -1.36
N THR A 101 -2.48 28.27 -0.05
CA THR A 101 -1.80 27.36 0.85
C THR A 101 -2.72 26.95 2.03
N ILE A 102 -2.27 25.94 2.78
CA ILE A 102 -2.91 25.47 4.00
C ILE A 102 -1.77 25.38 5.00
N GLY A 103 -1.82 26.18 6.05
CA GLY A 103 -0.82 26.18 7.12
C GLY A 103 0.61 26.52 6.74
N VAL A 104 0.80 27.38 5.74
CA VAL A 104 2.12 27.78 5.25
C VAL A 104 2.45 29.29 5.43
N CYS A 105 1.61 30.18 4.88
CA CYS A 105 1.89 31.59 4.84
C CYS A 105 0.60 32.36 5.12
N SER A 106 0.62 33.34 6.03
CA SER A 106 -0.60 34.07 6.37
C SER A 106 -1.25 34.85 5.22
N MET A 107 -0.48 35.19 4.19
CA MET A 107 -1.01 35.92 3.05
C MET A 107 -1.70 35.01 2.05
N THR A 108 -1.27 33.76 1.92
CA THR A 108 -1.84 32.85 0.91
C THR A 108 -2.76 31.77 1.49
N ASP A 109 -2.70 31.53 2.81
CA ASP A 109 -3.50 30.50 3.48
C ASP A 109 -4.97 30.74 3.38
N ILE A 110 -5.68 29.71 2.96
CA ILE A 110 -7.14 29.70 3.00
C ILE A 110 -7.62 28.97 4.27
N ALA A 111 -6.72 28.20 4.94
CA ALA A 111 -6.92 27.39 6.11
C ALA A 111 -5.57 27.14 6.79
N LYS A 112 -5.58 26.74 8.08
CA LYS A 112 -4.41 26.31 8.83
C LYS A 112 -4.25 24.78 8.69
N LYS A 113 -5.39 24.05 8.70
CA LYS A 113 -5.43 22.59 8.60
C LYS A 113 -6.36 22.19 7.45
N PRO A 114 -6.02 21.11 6.70
CA PRO A 114 -6.87 20.69 5.58
C PRO A 114 -8.26 20.14 5.96
N THR A 115 -8.57 20.09 7.26
CA THR A 115 -9.88 19.64 7.77
C THR A 115 -10.91 20.75 7.78
N GLU A 116 -10.47 22.03 7.59
CA GLU A 116 -11.36 23.18 7.56
C GLU A 116 -12.27 23.07 6.34
N THR A 117 -13.55 23.42 6.50
CA THR A 117 -14.58 23.24 5.47
C THR A 117 -14.25 23.91 4.13
N ILE A 118 -13.38 24.95 4.08
CA ILE A 118 -12.98 25.56 2.80
C ILE A 118 -12.18 24.55 1.92
N CYS A 119 -11.50 23.58 2.54
CA CYS A 119 -10.70 22.58 1.83
C CYS A 119 -11.53 21.41 1.35
N ALA A 120 -12.75 21.22 1.87
CA ALA A 120 -13.56 20.07 1.50
C ALA A 120 -13.78 19.94 -0.01
N PRO A 121 -14.13 21.01 -0.76
CA PRO A 121 -14.31 20.86 -2.21
C PRO A 121 -13.03 20.81 -3.04
N LEU A 122 -11.91 21.23 -2.47
CA LEU A 122 -10.63 21.25 -3.16
C LEU A 122 -9.92 19.91 -3.09
N THR A 123 -9.26 19.51 -4.17
CA THR A 123 -8.45 18.31 -4.16
C THR A 123 -7.12 18.66 -3.50
N VAL A 124 -6.97 18.23 -2.24
CA VAL A 124 -5.80 18.50 -1.42
C VAL A 124 -4.74 17.43 -1.63
N PHE A 125 -3.47 17.83 -1.79
CA PHE A 125 -2.38 16.89 -1.93
C PHE A 125 -1.91 16.53 -0.52
N PHE A 126 -1.86 15.24 -0.23
CA PHE A 126 -1.39 14.67 1.03
C PHE A 126 -0.16 13.82 0.75
N ASP A 127 0.77 13.88 1.69
CA ASP A 127 2.05 13.19 1.66
C ASP A 127 2.13 12.24 2.85
N GLY A 128 2.00 10.95 2.56
CA GLY A 128 2.03 9.89 3.56
C GLY A 128 3.33 9.81 4.32
N ARG A 129 4.40 10.43 3.80
CA ARG A 129 5.69 10.50 4.49
C ARG A 129 5.64 11.50 5.68
N VAL A 130 4.59 12.32 5.79
CA VAL A 130 4.38 13.24 6.90
C VAL A 130 3.36 12.60 7.83
N ASP A 131 3.65 12.60 9.13
CA ASP A 131 2.76 12.04 10.13
C ASP A 131 1.36 12.63 10.09
N GLY A 132 0.37 11.76 10.14
CA GLY A 132 -1.04 12.13 10.14
C GLY A 132 -1.67 12.45 8.79
N GLN A 133 -0.88 12.53 7.71
CA GLN A 133 -1.43 12.90 6.40
C GLN A 133 -2.22 11.79 5.71
N VAL A 134 -1.91 10.51 5.97
CA VAL A 134 -2.74 9.41 5.42
C VAL A 134 -4.15 9.50 6.05
N ASP A 135 -4.22 9.76 7.36
CA ASP A 135 -5.50 9.89 8.06
C ASP A 135 -6.27 11.10 7.57
N LEU A 136 -5.56 12.21 7.32
CA LEU A 136 -6.18 13.42 6.80
C LEU A 136 -6.78 13.16 5.42
N PHE A 137 -6.11 12.36 4.59
CA PHE A 137 -6.65 11.95 3.30
C PHE A 137 -7.91 11.08 3.48
N ARG A 138 -7.93 10.15 4.47
CA ARG A 138 -9.12 9.34 4.72
C ARG A 138 -10.33 10.20 5.10
N ASN A 139 -10.12 11.36 5.77
CA ASN A 139 -11.23 12.23 6.13
C ASN A 139 -11.50 13.33 5.11
N ALA A 140 -10.62 13.55 4.13
CA ALA A 140 -10.80 14.58 3.12
C ALA A 140 -11.87 14.17 2.16
N ARG A 141 -12.73 15.12 1.76
CA ARG A 141 -13.73 14.85 0.74
C ARG A 141 -12.99 14.67 -0.62
N ASN A 142 -11.99 15.51 -0.90
CA ASN A 142 -11.23 15.43 -2.12
C ASN A 142 -9.77 15.47 -1.81
N GLY A 143 -8.99 14.69 -2.53
CA GLY A 143 -7.56 14.68 -2.33
C GLY A 143 -6.78 13.70 -3.18
N VAL A 144 -5.48 13.86 -3.17
CA VAL A 144 -4.54 12.99 -3.84
C VAL A 144 -3.52 12.65 -2.78
N LEU A 145 -3.28 11.36 -2.53
CA LEU A 145 -2.33 10.93 -1.54
C LEU A 145 -1.15 10.21 -2.19
N ILE A 146 0.07 10.52 -1.74
CA ILE A 146 1.26 9.75 -2.16
C ILE A 146 1.80 9.03 -0.94
N THR A 147 2.28 7.80 -1.13
CA THR A 147 2.90 7.04 -0.05
C THR A 147 4.10 6.26 -0.57
N GLU A 148 5.00 5.87 0.35
CA GLU A 148 6.14 5.05 0.00
C GLU A 148 5.79 3.55 0.05
N GLY A 149 4.80 3.20 0.86
CA GLY A 149 4.33 1.83 0.99
C GLY A 149 2.81 1.70 1.01
N SER A 150 2.35 0.57 1.49
CA SER A 150 0.98 0.11 1.61
C SER A 150 0.13 0.83 2.68
N VAL A 151 -1.11 1.19 2.33
CA VAL A 151 -2.06 1.78 3.26
C VAL A 151 -3.17 0.73 3.37
N LYS A 152 -3.40 0.13 4.56
CA LYS A 152 -4.39 -0.95 4.71
C LYS A 152 -5.78 -0.60 4.09
N GLY A 153 -6.25 -1.48 3.22
CA GLY A 153 -7.53 -1.27 2.56
C GLY A 153 -7.53 -0.43 1.30
N LEU A 154 -6.54 0.48 1.11
CA LEU A 154 -6.49 1.34 -0.08
C LEU A 154 -5.80 0.71 -1.29
N GLN A 155 -6.49 0.64 -2.43
CA GLN A 155 -5.93 0.06 -3.65
C GLN A 155 -4.93 1.01 -4.28
N PRO A 156 -3.65 0.60 -4.39
CA PRO A 156 -2.64 1.54 -4.87
C PRO A 156 -2.53 1.64 -6.38
N SER A 157 -1.96 2.75 -6.81
CA SER A 157 -1.61 2.98 -8.19
C SER A 157 -0.12 3.26 -8.16
N VAL A 158 0.70 2.42 -8.83
CA VAL A 158 2.13 2.66 -8.86
C VAL A 158 2.38 3.86 -9.79
N GLY A 159 2.97 4.90 -9.25
CA GLY A 159 3.26 6.11 -10.01
C GLY A 159 4.53 6.00 -10.81
N PRO A 160 4.98 7.11 -11.40
CA PRO A 160 6.24 7.08 -12.18
C PRO A 160 7.47 6.79 -11.30
N LYS A 161 8.55 6.29 -11.93
CA LYS A 161 9.79 6.01 -11.20
C LYS A 161 10.46 7.28 -10.69
N GLN A 162 10.28 8.40 -11.43
CA GLN A 162 10.89 9.67 -11.14
C GLN A 162 10.02 10.63 -10.33
N ALA A 163 10.67 11.52 -9.63
CA ALA A 163 10.06 12.60 -8.87
C ALA A 163 10.99 13.84 -8.99
N SER A 164 10.50 15.01 -8.62
CA SER A 164 11.28 16.22 -8.63
C SER A 164 11.89 16.45 -7.23
N LEU A 165 13.21 16.58 -7.14
CA LEU A 165 13.87 16.92 -5.90
C LEU A 165 14.59 18.25 -6.12
N ASN A 166 14.04 19.35 -5.57
CA ASN A 166 14.62 20.68 -5.73
C ASN A 166 14.76 21.10 -7.18
N GLY A 167 13.79 20.71 -7.99
CA GLY A 167 13.81 21.05 -9.41
C GLY A 167 14.53 20.08 -10.30
N VAL A 168 15.12 19.02 -9.74
CA VAL A 168 15.82 18.03 -10.51
C VAL A 168 14.94 16.80 -10.59
N THR A 169 14.54 16.40 -11.78
CA THR A 169 13.74 15.21 -11.96
C THR A 169 14.71 14.05 -11.99
N LEU A 170 14.52 13.09 -11.09
CA LEU A 170 15.43 11.96 -10.98
C LEU A 170 14.74 10.70 -10.50
N ILE A 171 15.37 9.56 -10.76
CA ILE A 171 14.93 8.27 -10.27
C ILE A 171 15.85 8.03 -9.10
N GLY A 172 15.29 8.13 -7.91
CA GLY A 172 16.04 8.04 -6.67
C GLY A 172 16.78 6.75 -6.40
N GLU A 173 18.01 6.90 -5.91
CA GLU A 173 18.86 5.78 -5.52
C GLU A 173 19.09 5.89 -4.01
N ALA A 174 19.39 7.10 -3.51
CA ALA A 174 19.57 7.35 -2.09
C ALA A 174 18.22 7.74 -1.40
N VAL A 175 17.18 8.07 -2.21
CA VAL A 175 15.83 8.46 -1.80
C VAL A 175 14.80 7.70 -2.63
N LYS A 176 13.61 7.54 -2.10
CA LYS A 176 12.51 6.90 -2.81
C LYS A 176 11.80 7.99 -3.63
N THR A 177 11.62 7.76 -4.93
CA THR A 177 10.92 8.65 -5.86
C THR A 177 9.67 8.00 -6.47
N GLN A 178 9.51 6.65 -6.33
CA GLN A 178 8.34 5.97 -6.87
C GLN A 178 7.27 5.87 -5.80
N PHE A 179 6.15 6.56 -5.99
CA PHE A 179 5.10 6.58 -4.97
C PHE A 179 3.88 5.77 -5.35
N ASN A 180 3.09 5.41 -4.35
CA ASN A 180 1.78 4.84 -4.56
C ASN A 180 0.90 6.09 -4.62
N TYR A 181 -0.05 6.12 -5.55
CA TYR A 181 -0.99 7.21 -5.72
C TYR A 181 -2.38 6.75 -5.36
N TYR A 182 -3.14 7.65 -4.73
CA TYR A 182 -4.52 7.45 -4.32
C TYR A 182 -5.27 8.78 -4.57
N LYS A 183 -6.54 8.71 -4.98
CA LYS A 183 -7.32 9.92 -5.26
C LYS A 183 -8.72 9.77 -4.73
N LYS A 184 -9.29 10.85 -4.19
CA LYS A 184 -10.67 10.83 -3.71
C LYS A 184 -11.42 11.95 -4.39
N VAL A 185 -12.63 11.67 -4.86
CA VAL A 185 -13.51 12.68 -5.44
C VAL A 185 -14.83 12.56 -4.69
N ASP A 186 -15.32 13.65 -4.10
CA ASP A 186 -16.59 13.65 -3.37
C ASP A 186 -16.73 12.55 -2.31
N GLY A 187 -15.69 12.40 -1.50
CA GLY A 187 -15.64 11.45 -0.40
C GLY A 187 -15.43 10.01 -0.81
N VAL A 188 -15.31 9.75 -2.12
CA VAL A 188 -15.19 8.39 -2.63
C VAL A 188 -13.84 8.19 -3.25
N VAL A 189 -13.14 7.13 -2.82
CA VAL A 189 -11.86 6.77 -3.39
C VAL A 189 -12.05 6.41 -4.87
N GLN A 190 -11.24 6.99 -5.74
CA GLN A 190 -11.33 6.74 -7.16
C GLN A 190 -10.23 5.80 -7.61
N GLN A 191 -10.61 4.91 -8.48
CA GLN A 191 -9.74 3.94 -9.10
C GLN A 191 -8.92 4.71 -10.14
N LEU A 192 -7.62 4.81 -9.94
CA LEU A 192 -6.76 5.49 -10.91
C LEU A 192 -6.62 4.59 -12.12
N PRO A 193 -6.62 5.19 -13.32
CA PRO A 193 -6.54 4.38 -14.52
C PRO A 193 -5.17 3.77 -14.77
N GLU A 194 -5.13 2.74 -15.62
CA GLU A 194 -3.88 2.13 -16.07
C GLU A 194 -3.27 3.16 -17.02
N THR A 195 -1.98 3.44 -16.85
CA THR A 195 -1.37 4.53 -17.56
C THR A 195 0.04 4.25 -17.99
N TYR A 196 0.44 4.96 -19.03
CA TYR A 196 1.82 5.04 -19.45
C TYR A 196 2.35 6.27 -18.69
N PHE A 197 3.66 6.41 -18.63
CA PHE A 197 4.28 7.56 -17.98
C PHE A 197 5.28 8.18 -18.91
N THR A 198 5.30 9.51 -18.94
CA THR A 198 6.32 10.21 -19.70
C THR A 198 7.63 10.08 -18.89
N GLN A 199 8.77 10.11 -19.60
CA GLN A 199 10.10 9.88 -19.01
C GLN A 199 10.80 11.12 -18.44
N SER A 200 10.29 12.32 -18.74
CA SER A 200 10.82 13.58 -18.20
C SER A 200 12.30 13.85 -18.50
N ARG A 201 12.76 13.46 -19.69
CA ARG A 201 14.15 13.68 -20.11
C ARG A 201 14.36 15.04 -20.81
N ASN A 202 15.63 15.48 -20.90
CA ASN A 202 16.05 16.72 -21.57
C ASN A 202 16.60 16.35 -22.94
N LEU A 203 16.66 17.32 -23.85
CA LEU A 203 17.24 17.12 -25.17
C LEU A 203 18.77 17.01 -25.07
N GLN A 204 19.37 17.87 -24.25
CA GLN A 204 20.82 17.95 -24.06
C GLN A 204 21.37 16.79 -23.22
N GLU A 205 20.61 16.30 -22.23
CA GLU A 205 21.08 15.21 -21.38
C GLU A 205 20.33 13.91 -21.64
N PHE A 206 19.88 13.68 -22.89
CA PHE A 206 19.10 12.50 -23.22
C PHE A 206 19.84 11.17 -23.10
N LYS A 207 19.30 10.25 -22.29
CA LYS A 207 19.86 8.91 -22.17
C LYS A 207 18.82 7.86 -22.52
N PRO A 208 19.18 6.89 -23.35
CA PRO A 208 18.24 5.80 -23.67
C PRO A 208 17.94 4.94 -22.43
N ARG A 209 16.68 4.48 -22.29
CA ARG A 209 16.28 3.67 -21.15
C ARG A 209 15.78 2.27 -21.53
N SER A 210 16.21 1.77 -22.70
CA SER A 210 15.87 0.44 -23.19
C SER A 210 16.79 0.07 -24.35
N GLN A 211 16.85 -1.23 -24.73
CA GLN A 211 17.67 -1.64 -25.86
C GLN A 211 17.12 -1.04 -27.16
N MET A 212 15.78 -0.94 -27.29
CA MET A 212 15.19 -0.31 -28.48
C MET A 212 15.60 1.16 -28.62
N GLU A 213 15.69 1.89 -27.50
CA GLU A 213 16.10 3.30 -27.51
C GLU A 213 17.58 3.46 -27.84
N ILE A 214 18.41 2.50 -27.40
CA ILE A 214 19.83 2.49 -27.71
C ILE A 214 20.00 2.28 -29.23
N ASP A 215 19.22 1.33 -29.80
CA ASP A 215 19.22 1.02 -31.23
C ASP A 215 18.69 2.20 -32.05
N PHE A 216 17.71 2.95 -31.54
CA PHE A 216 17.19 4.11 -32.26
C PHE A 216 18.28 5.19 -32.43
N LEU A 217 18.99 5.49 -31.34
CA LEU A 217 20.05 6.48 -31.34
C LEU A 217 21.29 6.02 -32.11
N GLU A 218 21.56 4.70 -32.14
CA GLU A 218 22.76 4.20 -32.81
C GLU A 218 22.57 3.85 -34.30
N LEU A 219 21.57 3.02 -34.63
CA LEU A 219 21.33 2.58 -36.00
C LEU A 219 20.81 3.71 -36.89
N ALA A 220 20.97 3.54 -38.21
CA ALA A 220 20.43 4.44 -39.21
C ALA A 220 18.91 4.21 -39.25
N MET A 221 18.15 5.20 -39.73
CA MET A 221 16.69 5.12 -39.79
C MET A 221 16.15 3.81 -40.40
N ASP A 222 16.61 3.44 -41.58
CA ASP A 222 16.10 2.26 -42.27
C ASP A 222 16.48 0.93 -41.60
N GLU A 223 17.64 0.85 -40.91
CA GLU A 223 17.99 -0.39 -40.24
C GLU A 223 17.30 -0.53 -38.89
N PHE A 224 16.94 0.59 -38.22
CA PHE A 224 16.18 0.50 -36.98
C PHE A 224 14.75 0.04 -37.30
N ILE A 225 14.13 0.66 -38.32
CA ILE A 225 12.79 0.33 -38.75
C ILE A 225 12.71 -1.14 -39.18
N GLU A 226 13.74 -1.64 -39.87
CA GLU A 226 13.81 -3.03 -40.29
C GLU A 226 13.94 -3.94 -39.07
N ARG A 227 14.88 -3.65 -38.16
CA ARG A 227 15.09 -4.46 -36.95
C ARG A 227 13.82 -4.61 -36.11
N TYR A 228 13.07 -3.51 -35.95
CA TYR A 228 11.89 -3.53 -35.09
C TYR A 228 10.57 -3.71 -35.82
N LYS A 229 10.61 -4.12 -37.12
CA LYS A 229 9.44 -4.41 -37.94
C LYS A 229 8.46 -3.24 -37.97
N LEU A 230 8.97 -2.02 -38.14
CA LEU A 230 8.14 -0.83 -38.11
C LEU A 230 7.73 -0.29 -39.48
N GLU A 231 7.88 -1.10 -40.55
CA GLU A 231 7.48 -0.69 -41.89
C GLU A 231 5.96 -0.43 -41.93
N GLY A 232 5.57 0.70 -42.51
CA GLY A 232 4.16 1.06 -42.58
C GLY A 232 3.63 1.82 -41.37
N TYR A 233 4.50 2.13 -40.39
CA TYR A 233 4.07 2.87 -39.19
C TYR A 233 4.44 4.34 -39.17
N ALA A 234 4.97 4.86 -40.29
CA ALA A 234 5.37 6.26 -40.49
C ALA A 234 6.36 6.80 -39.46
N PHE A 235 7.28 5.96 -38.95
CA PHE A 235 8.29 6.42 -38.01
C PHE A 235 9.25 7.42 -38.64
N GLU A 236 9.45 7.33 -39.97
CA GLU A 236 10.27 8.25 -40.76
C GLU A 236 9.77 9.69 -40.57
N HIS A 237 8.44 9.88 -40.56
CA HIS A 237 7.75 11.15 -40.37
C HIS A 237 7.55 11.48 -38.86
N ILE A 238 6.80 10.63 -38.13
CA ILE A 238 6.45 10.79 -36.72
C ILE A 238 7.63 10.90 -35.76
N VAL A 239 8.59 9.95 -35.83
CA VAL A 239 9.69 9.93 -34.85
C VAL A 239 10.97 10.59 -35.38
N TYR A 240 11.39 10.27 -36.59
CA TYR A 240 12.61 10.83 -37.17
C TYR A 240 12.45 12.30 -37.61
N GLY A 241 11.31 12.62 -38.17
CA GLY A 241 11.04 13.97 -38.65
C GLY A 241 11.36 14.13 -40.12
N ASP A 242 10.58 14.95 -40.79
CA ASP A 242 10.76 15.24 -42.20
C ASP A 242 11.21 16.70 -42.31
N PHE A 243 12.45 16.91 -42.71
CA PHE A 243 13.01 18.25 -42.82
C PHE A 243 13.12 18.72 -44.27
N SER A 244 12.41 18.07 -45.21
CA SER A 244 12.51 18.41 -46.63
C SER A 244 11.61 19.54 -47.10
N HIS A 245 10.50 19.80 -46.40
CA HIS A 245 9.60 20.89 -46.79
C HIS A 245 9.71 22.07 -45.84
N SER A 246 9.13 23.23 -46.21
CA SER A 246 9.17 24.41 -45.36
C SER A 246 8.51 24.14 -44.02
N GLN A 247 7.43 23.37 -44.00
CA GLN A 247 6.82 22.95 -42.75
C GLN A 247 7.45 21.60 -42.32
N LEU A 248 8.04 21.58 -41.11
CA LEU A 248 8.67 20.41 -40.52
C LEU A 248 7.63 19.33 -40.33
N GLY A 249 7.88 18.15 -40.89
CA GLY A 249 6.97 17.02 -40.82
C GLY A 249 7.21 16.16 -39.60
N GLY A 250 6.13 15.79 -38.93
CA GLY A 250 6.17 14.94 -37.75
C GLY A 250 7.01 15.49 -36.62
N LEU A 251 7.92 14.64 -36.09
CA LEU A 251 8.85 14.95 -35.00
C LEU A 251 8.11 15.17 -33.67
N HIS A 252 7.39 14.14 -33.21
CA HIS A 252 6.57 14.25 -32.02
C HIS A 252 7.09 13.48 -30.80
N LEU A 253 8.18 12.72 -30.94
CA LEU A 253 8.74 11.94 -29.82
C LEU A 253 10.06 12.56 -29.43
N LEU A 254 10.29 12.82 -28.12
CA LEU A 254 11.54 13.44 -27.67
C LEU A 254 12.80 12.72 -28.14
N ILE A 255 12.81 11.37 -28.15
CA ILE A 255 13.97 10.61 -28.60
C ILE A 255 14.37 10.98 -30.07
N GLY A 256 13.40 11.28 -30.92
CA GLY A 256 13.67 11.69 -32.30
C GLY A 256 14.31 13.06 -32.38
N LEU A 257 13.90 13.97 -31.51
CA LEU A 257 14.49 15.30 -31.41
C LEU A 257 15.92 15.17 -30.86
N ALA A 258 16.14 14.28 -29.89
CA ALA A 258 17.45 14.02 -29.29
C ALA A 258 18.41 13.43 -30.32
N LYS A 259 17.91 12.56 -31.22
CA LYS A 259 18.75 11.97 -32.26
C LYS A 259 19.20 13.06 -33.23
N ARG A 260 18.26 13.90 -33.68
CA ARG A 260 18.48 15.01 -34.60
C ARG A 260 19.47 16.01 -33.98
N PHE A 261 19.30 16.30 -32.69
CA PHE A 261 20.13 17.22 -31.92
C PHE A 261 21.63 16.87 -31.93
N LYS A 262 21.97 15.58 -31.95
CA LYS A 262 23.37 15.14 -32.01
C LYS A 262 23.97 15.55 -33.35
N GLU A 263 23.20 15.43 -34.45
CA GLU A 263 23.67 15.80 -35.78
C GLU A 263 23.69 17.32 -35.98
N SER A 264 22.54 17.99 -35.83
CA SER A 264 22.45 19.43 -36.03
C SER A 264 21.50 20.10 -35.04
N PRO A 265 21.77 21.35 -34.66
CA PRO A 265 20.92 22.02 -33.66
C PRO A 265 19.63 22.57 -34.22
N PHE A 266 18.70 22.88 -33.32
CA PHE A 266 17.43 23.49 -33.69
C PHE A 266 16.87 24.32 -32.55
N GLU A 267 16.04 25.29 -32.88
CA GLU A 267 15.43 26.19 -31.92
C GLU A 267 14.08 25.62 -31.49
N LEU A 268 13.84 25.52 -30.18
CA LEU A 268 12.56 25.06 -29.63
C LEU A 268 11.94 26.21 -28.85
N GLU A 269 10.95 26.92 -29.39
CA GLU A 269 10.30 27.99 -28.63
C GLU A 269 9.18 27.43 -27.77
N ASP A 270 9.38 27.47 -26.45
CA ASP A 270 8.43 26.99 -25.48
C ASP A 270 7.47 28.16 -25.17
N PHE A 271 6.45 28.37 -26.04
CA PHE A 271 5.53 29.50 -25.94
C PHE A 271 4.54 29.42 -24.75
N ILE A 272 4.33 28.23 -24.15
CA ILE A 272 3.53 28.09 -22.91
C ILE A 272 4.45 27.38 -21.94
N PRO A 273 5.38 28.11 -21.28
CA PRO A 273 6.37 27.44 -20.44
C PRO A 273 5.87 26.94 -19.08
N MET A 274 5.28 25.79 -19.12
CA MET A 274 4.78 25.10 -17.96
C MET A 274 5.08 23.59 -18.10
N ASP A 275 4.99 22.86 -17.00
CA ASP A 275 5.19 21.42 -17.00
C ASP A 275 3.91 20.78 -17.54
N SER A 276 4.01 19.98 -18.61
CA SER A 276 2.86 19.25 -19.11
C SER A 276 3.26 17.96 -19.82
N THR A 277 2.38 16.93 -19.76
CA THR A 277 2.58 15.61 -20.36
C THR A 277 2.95 15.75 -21.83
N VAL A 278 2.24 16.63 -22.54
CA VAL A 278 2.53 16.94 -23.93
C VAL A 278 3.03 18.37 -24.00
N LYS A 279 4.17 18.59 -24.65
CA LYS A 279 4.71 19.93 -24.78
C LYS A 279 4.53 20.46 -26.22
N ASN A 280 4.34 21.78 -26.38
CA ASN A 280 4.19 22.36 -27.71
C ASN A 280 5.33 23.32 -27.97
N TYR A 281 6.03 23.14 -29.10
CA TYR A 281 7.14 24.03 -29.42
C TYR A 281 7.02 24.63 -30.79
N PHE A 282 7.51 25.86 -30.96
CA PHE A 282 7.61 26.50 -32.26
C PHE A 282 9.04 26.12 -32.65
N ILE A 283 9.18 25.07 -33.47
CA ILE A 283 10.49 24.55 -33.80
C ILE A 283 11.05 25.08 -35.13
N THR A 284 12.33 25.47 -35.15
CA THR A 284 13.02 25.91 -36.34
C THR A 284 14.26 25.05 -36.45
N ASP A 285 14.37 24.25 -37.50
CA ASP A 285 15.56 23.42 -37.72
C ASP A 285 16.67 24.31 -38.32
N ALA A 286 17.82 24.44 -37.64
CA ALA A 286 18.90 25.31 -38.12
C ALA A 286 19.59 24.86 -39.41
N GLN A 287 19.64 23.56 -39.68
CA GLN A 287 20.29 23.07 -40.89
C GLN A 287 19.49 23.32 -42.17
N THR A 288 18.19 23.02 -42.12
CA THR A 288 17.35 23.10 -43.31
C THR A 288 16.47 24.35 -43.38
N GLY A 289 16.09 24.88 -42.23
CA GLY A 289 15.15 25.98 -42.18
C GLY A 289 13.71 25.50 -42.18
N SER A 290 13.50 24.16 -42.03
CA SER A 290 12.20 23.55 -41.92
C SER A 290 11.68 23.97 -40.53
N SER A 291 10.42 24.42 -40.45
CA SER A 291 9.89 24.89 -39.18
C SER A 291 8.41 24.54 -38.97
N LYS A 292 7.94 24.55 -37.70
CA LYS A 292 6.54 24.26 -37.40
C LYS A 292 6.13 25.08 -36.18
N CYS A 293 5.06 25.88 -36.30
CA CYS A 293 4.59 26.77 -35.22
C CYS A 293 4.19 26.04 -33.97
N VAL A 294 3.49 24.93 -34.12
CA VAL A 294 3.02 24.13 -33.01
C VAL A 294 3.40 22.68 -33.25
N CYS A 295 4.55 22.26 -32.70
CA CYS A 295 5.01 20.89 -32.82
C CYS A 295 4.83 20.23 -31.47
N SER A 296 3.82 19.38 -31.36
CA SER A 296 3.55 18.67 -30.12
C SER A 296 4.63 17.58 -29.89
N VAL A 297 5.25 17.55 -28.72
CA VAL A 297 6.30 16.61 -28.37
C VAL A 297 5.97 15.91 -27.06
N ILE A 298 6.09 14.60 -27.06
CA ILE A 298 5.89 13.79 -25.87
C ILE A 298 7.16 12.94 -25.64
N ASP A 299 7.55 12.79 -24.37
CA ASP A 299 8.67 11.94 -24.05
C ASP A 299 8.16 10.63 -23.51
N LEU A 300 7.82 9.73 -24.42
CA LEU A 300 7.43 8.39 -24.06
C LEU A 300 8.64 7.53 -24.31
N LEU A 301 8.79 6.42 -23.55
CA LEU A 301 9.82 5.41 -23.84
C LEU A 301 9.47 4.84 -25.22
N LEU A 302 10.43 4.77 -26.13
CA LEU A 302 10.16 4.36 -27.52
C LEU A 302 9.35 3.07 -27.63
N ASP A 303 9.58 2.13 -26.70
CA ASP A 303 8.88 0.85 -26.61
C ASP A 303 7.40 1.06 -26.33
N ASP A 304 7.07 2.02 -25.46
CA ASP A 304 5.70 2.34 -25.11
C ASP A 304 4.99 2.95 -26.30
N PHE A 305 5.67 3.87 -27.02
CA PHE A 305 5.12 4.50 -28.21
C PHE A 305 4.88 3.47 -29.33
N VAL A 306 5.83 2.53 -29.50
CA VAL A 306 5.73 1.45 -30.49
C VAL A 306 4.55 0.55 -30.12
N GLU A 307 4.38 0.23 -28.82
CA GLU A 307 3.27 -0.58 -28.35
C GLU A 307 1.93 0.12 -28.62
N ILE A 308 1.85 1.43 -28.36
CA ILE A 308 0.64 2.22 -28.61
C ILE A 308 0.28 2.20 -30.09
N ILE A 309 1.23 2.54 -30.97
CA ILE A 309 0.97 2.65 -32.40
C ILE A 309 0.69 1.27 -33.03
N LYS A 310 1.32 0.21 -32.53
CA LYS A 310 1.07 -1.14 -33.05
C LYS A 310 -0.24 -1.75 -32.54
N SER A 311 -0.88 -1.14 -31.54
CA SER A 311 -2.14 -1.60 -31.00
C SER A 311 -3.34 -0.84 -31.60
N GLN A 312 -3.14 -0.15 -32.75
CA GLN A 312 -4.21 0.61 -33.35
C GLN A 312 -4.71 -0.02 -34.64
N ASP A 313 -6.01 0.12 -34.89
CA ASP A 313 -6.63 -0.35 -36.11
C ASP A 313 -6.25 0.65 -37.21
N LEU A 314 -5.69 0.17 -38.33
CA LEU A 314 -5.23 1.05 -39.40
C LEU A 314 -6.16 1.12 -40.61
N SER A 315 -7.45 0.81 -40.44
CA SER A 315 -8.39 0.76 -41.56
C SER A 315 -9.24 2.02 -41.79
N VAL A 316 -9.08 3.06 -40.97
CA VAL A 316 -9.86 4.30 -41.14
C VAL A 316 -8.95 5.47 -41.56
N VAL A 317 -9.46 6.42 -42.36
CA VAL A 317 -8.68 7.57 -42.80
C VAL A 317 -8.19 8.42 -41.62
N SER A 318 -9.09 8.77 -40.70
CA SER A 318 -8.71 9.58 -39.55
C SER A 318 -9.58 9.31 -38.36
N LYS A 319 -8.96 9.21 -37.19
CA LYS A 319 -9.69 9.02 -35.94
C LYS A 319 -8.90 9.51 -34.74
N VAL A 320 -9.63 9.77 -33.65
CA VAL A 320 -9.01 10.16 -32.40
C VAL A 320 -8.68 8.88 -31.62
N VAL A 321 -7.43 8.77 -31.16
CA VAL A 321 -6.95 7.65 -30.38
C VAL A 321 -6.66 8.20 -29.00
N LYS A 322 -7.37 7.74 -27.98
CA LYS A 322 -7.14 8.22 -26.62
C LYS A 322 -6.23 7.28 -25.86
N VAL A 323 -5.15 7.81 -25.29
CA VAL A 323 -4.18 7.01 -24.55
C VAL A 323 -3.98 7.63 -23.17
N THR A 324 -4.05 6.83 -22.09
CA THR A 324 -3.81 7.36 -20.75
C THR A 324 -2.31 7.46 -20.49
N ILE A 325 -1.81 8.71 -20.33
CA ILE A 325 -0.41 9.00 -20.07
C ILE A 325 -0.36 9.97 -18.90
N ASP A 326 0.43 9.65 -17.87
CA ASP A 326 0.54 10.45 -16.64
C ASP A 326 -0.83 10.68 -15.97
N TYR A 327 -1.70 9.65 -16.04
CA TYR A 327 -3.05 9.61 -15.49
C TYR A 327 -4.08 10.42 -16.30
N THR A 328 -3.63 11.18 -17.31
CA THR A 328 -4.55 11.98 -18.12
C THR A 328 -4.81 11.31 -19.47
N GLU A 329 -5.94 11.64 -20.09
CA GLU A 329 -6.28 11.07 -21.37
C GLU A 329 -5.76 11.96 -22.50
N ILE A 330 -4.72 11.50 -23.20
CA ILE A 330 -4.12 12.23 -24.29
C ILE A 330 -4.74 11.79 -25.61
N SER A 331 -5.35 12.74 -26.33
CA SER A 331 -5.92 12.46 -27.63
C SER A 331 -4.81 12.51 -28.68
N PHE A 332 -4.85 11.57 -29.58
CA PHE A 332 -3.91 11.50 -30.69
C PHE A 332 -4.73 11.48 -31.97
N MET A 333 -4.18 12.04 -33.02
CA MET A 333 -4.85 12.02 -34.31
C MET A 333 -4.13 10.96 -35.11
N LEU A 334 -4.82 9.88 -35.46
CA LEU A 334 -4.22 8.82 -36.25
C LEU A 334 -4.75 8.92 -37.68
N TRP A 335 -3.84 9.09 -38.64
CA TRP A 335 -4.18 9.22 -40.06
C TRP A 335 -3.64 8.05 -40.83
N CYS A 336 -4.51 7.29 -41.48
CA CYS A 336 -4.09 6.09 -42.22
C CYS A 336 -4.47 6.16 -43.69
N LYS A 337 -3.81 5.34 -44.51
CA LYS A 337 -4.09 5.19 -45.94
C LYS A 337 -3.66 3.81 -46.34
N ASP A 338 -4.56 3.02 -46.95
CA ASP A 338 -4.29 1.67 -47.45
C ASP A 338 -3.69 0.74 -46.40
N GLY A 339 -4.13 0.88 -45.15
CA GLY A 339 -3.65 0.04 -44.07
C GLY A 339 -2.30 0.41 -43.47
N HIS A 340 -1.77 1.56 -43.86
CA HIS A 340 -0.52 2.05 -43.30
C HIS A 340 -0.73 3.39 -42.60
N VAL A 341 0.09 3.69 -41.60
CA VAL A 341 0.03 4.97 -40.90
C VAL A 341 0.63 6.05 -41.81
N GLU A 342 0.02 7.23 -41.84
CA GLU A 342 0.52 8.40 -42.53
C GLU A 342 1.14 9.31 -41.43
N THR A 343 0.37 9.56 -40.36
CA THR A 343 0.83 10.31 -39.19
C THR A 343 0.04 9.92 -37.95
N PHE A 344 0.63 10.13 -36.78
CA PHE A 344 0.05 9.83 -35.47
C PHE A 344 0.67 10.87 -34.56
N TYR A 345 -0.13 11.78 -34.02
CA TYR A 345 0.41 12.88 -33.23
C TYR A 345 -0.51 13.31 -32.12
N PRO A 346 0.03 13.79 -30.99
CA PRO A 346 -0.84 14.32 -29.93
C PRO A 346 -1.68 15.49 -30.47
N LYS A 347 -3.00 15.22 -30.62
CA LYS A 347 -4.04 16.11 -31.17
C LYS A 347 -3.95 17.54 -30.67
N LEU A 348 -3.74 18.47 -31.62
CA LEU A 348 -3.62 19.90 -31.32
C LEU A 348 -4.98 20.47 -30.95
N GLN A 349 -5.05 21.21 -29.84
CA GLN A 349 -6.32 21.76 -29.35
C GLN A 349 -6.40 23.31 -29.45
N ALA B 2 17.43 -37.91 29.99
CA ALA B 2 16.53 -37.92 31.15
C ALA B 2 15.02 -37.84 30.79
N MET B 3 14.71 -37.57 29.52
CA MET B 3 13.35 -37.46 29.03
C MET B 3 12.74 -38.86 28.82
N SER B 4 11.51 -39.05 29.28
CA SER B 4 10.83 -40.33 29.16
C SER B 4 9.33 -40.19 29.15
N LEU B 5 8.64 -41.22 28.66
CA LEU B 5 7.19 -41.26 28.61
C LEU B 5 6.61 -41.14 30.01
N GLU B 6 7.18 -41.91 30.94
CA GLU B 6 6.76 -41.99 32.33
C GLU B 6 7.03 -40.71 33.10
N ASN B 7 8.10 -40.00 32.74
CA ASN B 7 8.42 -38.71 33.32
C ASN B 7 7.50 -37.62 32.78
N VAL B 8 7.18 -37.64 31.48
CA VAL B 8 6.22 -36.68 30.91
C VAL B 8 4.86 -36.86 31.59
N ALA B 9 4.43 -38.13 31.75
CA ALA B 9 3.18 -38.49 32.39
C ALA B 9 3.15 -38.07 33.85
N PHE B 10 4.27 -38.22 34.57
CA PHE B 10 4.40 -37.82 35.96
C PHE B 10 4.17 -36.29 36.06
N ASN B 11 4.78 -35.54 35.15
CA ASN B 11 4.62 -34.10 35.12
C ASN B 11 3.19 -33.71 34.84
N VAL B 12 2.52 -34.37 33.89
CA VAL B 12 1.13 -34.09 33.57
C VAL B 12 0.23 -34.32 34.81
N VAL B 13 0.35 -35.50 35.45
CA VAL B 13 -0.39 -35.88 36.64
C VAL B 13 -0.17 -34.90 37.82
N ASN B 14 1.07 -34.53 38.11
CA ASN B 14 1.38 -33.70 39.27
C ASN B 14 1.46 -32.20 39.03
N LYS B 15 1.76 -31.76 37.81
CA LYS B 15 1.93 -30.34 37.51
C LYS B 15 0.94 -29.77 36.52
N GLY B 16 0.03 -30.60 36.00
CA GLY B 16 -0.95 -30.19 35.01
C GLY B 16 -0.40 -30.04 33.61
N HIS B 17 0.92 -30.19 33.46
CA HIS B 17 1.67 -30.03 32.21
C HIS B 17 3.14 -30.40 32.48
N PHE B 18 4.00 -30.36 31.44
CA PHE B 18 5.41 -30.65 31.63
C PHE B 18 6.08 -29.46 32.34
N ASP B 19 6.68 -29.73 33.49
CA ASP B 19 7.30 -28.70 34.31
C ASP B 19 8.76 -29.02 34.71
N GLY B 20 9.40 -29.95 33.99
CA GLY B 20 10.78 -30.35 34.24
C GLY B 20 11.01 -31.05 35.57
N GLN B 21 9.95 -31.58 36.18
CA GLN B 21 10.06 -32.26 37.46
C GLN B 21 10.55 -33.67 37.31
N GLN B 22 11.16 -34.22 38.36
CA GLN B 22 11.65 -35.59 38.34
C GLN B 22 10.56 -36.51 38.83
N GLY B 23 10.52 -37.71 38.30
CA GLY B 23 9.54 -38.70 38.72
C GLY B 23 8.94 -39.45 37.56
N GLU B 24 8.31 -40.57 37.87
CA GLU B 24 7.70 -41.42 36.87
C GLU B 24 6.38 -41.96 37.40
N VAL B 25 5.41 -42.18 36.51
CA VAL B 25 4.14 -42.82 36.84
C VAL B 25 3.96 -44.00 35.86
N PRO B 26 3.25 -45.08 36.24
CA PRO B 26 3.05 -46.19 35.28
C PRO B 26 2.12 -45.74 34.15
N VAL B 27 2.51 -46.02 32.91
CA VAL B 27 1.75 -45.61 31.74
C VAL B 27 1.36 -46.81 30.91
N SER B 28 0.21 -46.72 30.26
CA SER B 28 -0.20 -47.70 29.28
C SER B 28 -0.72 -46.98 28.04
N ILE B 29 -0.28 -47.43 26.88
CA ILE B 29 -0.68 -46.84 25.61
C ILE B 29 -1.55 -47.82 24.89
N ILE B 30 -2.78 -47.41 24.55
CA ILE B 30 -3.72 -48.25 23.82
C ILE B 30 -4.42 -47.35 22.83
N ASN B 31 -4.68 -47.75 21.57
N ASN B 31 -4.00 -47.70 21.60
CA ASN B 31 -5.49 -46.96 20.57
CA ASN B 31 -4.23 -47.14 20.30
C ASN B 31 -5.50 -45.40 20.70
C ASN B 31 -3.56 -45.80 20.28
N ASN B 32 -4.36 -44.78 20.40
CA ASN B 32 -4.01 -43.38 20.43
C ASN B 32 -4.30 -42.72 21.74
N THR B 33 -4.32 -43.48 22.83
CA THR B 33 -4.62 -42.95 24.13
C THR B 33 -3.56 -43.34 25.14
N VAL B 34 -3.17 -42.38 25.96
CA VAL B 34 -2.21 -42.54 27.03
C VAL B 34 -3.02 -42.62 28.32
N TYR B 35 -2.77 -43.66 29.12
CA TYR B 35 -3.42 -43.81 30.40
C TYR B 35 -2.36 -43.92 31.48
N THR B 36 -2.78 -43.69 32.73
CA THR B 36 -1.95 -43.89 33.89
C THR B 36 -2.73 -44.65 34.94
N LYS B 37 -2.04 -45.49 35.71
CA LYS B 37 -2.70 -46.25 36.75
C LYS B 37 -2.82 -45.36 37.98
N VAL B 38 -4.05 -45.17 38.46
CA VAL B 38 -4.32 -44.43 39.67
C VAL B 38 -5.13 -45.36 40.55
N ASP B 39 -4.44 -46.01 41.51
CA ASP B 39 -5.03 -46.94 42.47
C ASP B 39 -5.70 -48.13 41.82
N GLY B 40 -4.95 -48.79 40.94
CA GLY B 40 -5.41 -50.00 40.29
C GLY B 40 -6.23 -49.82 39.04
N VAL B 41 -6.71 -48.60 38.75
CA VAL B 41 -7.48 -48.38 37.52
C VAL B 41 -6.82 -47.38 36.60
N ASP B 42 -7.06 -47.53 35.29
CA ASP B 42 -6.48 -46.63 34.29
C ASP B 42 -7.29 -45.39 34.11
N VAL B 43 -6.60 -44.25 34.08
CA VAL B 43 -7.21 -42.95 33.91
C VAL B 43 -6.61 -42.34 32.64
N GLU B 44 -7.44 -41.82 31.75
CA GLU B 44 -6.97 -41.21 30.52
C GLU B 44 -6.25 -39.87 30.78
N LEU B 45 -5.05 -39.72 30.18
CA LEU B 45 -4.27 -38.50 30.24
C LEU B 45 -4.28 -37.73 28.92
N PHE B 46 -4.35 -38.46 27.81
CA PHE B 46 -4.26 -37.83 26.52
C PHE B 46 -4.81 -38.72 25.45
N GLU B 47 -5.59 -38.14 24.54
CA GLU B 47 -6.05 -38.84 23.37
C GLU B 47 -5.43 -38.12 22.19
N ASN B 48 -4.61 -38.83 21.42
CA ASN B 48 -3.96 -38.30 20.25
C ASN B 48 -4.93 -38.05 19.10
N LYS B 49 -5.03 -36.80 18.67
CA LYS B 49 -5.83 -36.40 17.51
C LYS B 49 -4.90 -35.92 16.34
N THR B 50 -3.57 -35.99 16.52
CA THR B 50 -2.55 -35.59 15.57
C THR B 50 -2.20 -36.75 14.60
N THR B 51 -1.39 -36.45 13.60
CA THR B 51 -0.85 -37.45 12.68
C THR B 51 0.56 -37.93 13.12
N LEU B 52 1.01 -37.55 14.33
CA LEU B 52 2.27 -37.96 14.92
C LEU B 52 1.98 -39.20 15.77
N PRO B 53 3.01 -40.00 16.11
CA PRO B 53 2.79 -41.12 17.03
C PRO B 53 2.26 -40.65 18.39
N VAL B 54 1.36 -41.44 19.02
CA VAL B 54 0.68 -41.13 20.29
C VAL B 54 1.61 -40.62 21.39
N ASN B 55 2.76 -41.29 21.62
CA ASN B 55 3.71 -40.90 22.67
C ASN B 55 4.41 -39.58 22.36
N VAL B 56 4.69 -39.35 21.08
CA VAL B 56 5.32 -38.14 20.58
C VAL B 56 4.36 -36.96 20.73
N ALA B 57 3.10 -37.10 20.27
CA ALA B 57 2.11 -36.04 20.40
C ALA B 57 1.82 -35.72 21.87
N PHE B 58 1.88 -36.73 22.75
CA PHE B 58 1.66 -36.60 24.19
C PHE B 58 2.70 -35.70 24.78
N GLU B 59 3.98 -35.93 24.43
CA GLU B 59 5.08 -35.15 24.94
C GLU B 59 5.02 -33.69 24.48
N LEU B 60 4.66 -33.47 23.20
CA LEU B 60 4.54 -32.12 22.65
C LEU B 60 3.38 -31.36 23.24
N TRP B 61 2.27 -32.06 23.50
CA TRP B 61 1.13 -31.44 24.15
C TRP B 61 1.51 -31.07 25.59
N ALA B 62 2.15 -32.00 26.34
CA ALA B 62 2.63 -31.69 27.69
C ALA B 62 3.58 -30.47 27.71
N LYS B 63 4.45 -30.34 26.69
CA LYS B 63 5.43 -29.27 26.57
C LYS B 63 4.94 -28.02 25.83
N ARG B 64 3.63 -27.89 25.68
CA ARG B 64 3.03 -26.73 25.07
C ARG B 64 3.29 -25.45 25.89
N ASN B 65 3.33 -24.32 25.18
CA ASN B 65 3.50 -23.02 25.77
C ASN B 65 2.22 -22.66 26.56
N ILE B 66 2.38 -22.44 27.86
CA ILE B 66 1.26 -22.08 28.73
C ILE B 66 1.22 -20.56 29.07
N LYS B 67 1.93 -19.73 28.30
CA LYS B 67 1.88 -18.29 28.42
C LYS B 67 0.98 -17.82 27.28
N PRO B 68 0.44 -16.57 27.32
CA PRO B 68 -0.33 -16.09 26.15
C PRO B 68 0.62 -16.03 24.95
N VAL B 69 0.22 -16.65 23.86
CA VAL B 69 1.04 -16.66 22.66
C VAL B 69 0.26 -16.14 21.49
N PRO B 70 0.93 -15.69 20.41
CA PRO B 70 0.19 -15.28 19.21
C PRO B 70 -0.72 -16.41 18.71
N GLU B 71 -1.89 -16.04 18.18
CA GLU B 71 -2.79 -17.01 17.59
C GLU B 71 -2.13 -17.63 16.38
N VAL B 72 -2.37 -18.93 16.13
CA VAL B 72 -1.76 -19.67 15.02
C VAL B 72 -1.94 -18.95 13.67
N LYS B 73 -3.14 -18.36 13.41
CA LYS B 73 -3.38 -17.62 12.17
C LYS B 73 -2.37 -16.49 11.97
N ILE B 74 -2.00 -15.75 13.05
CA ILE B 74 -0.98 -14.69 12.98
C ILE B 74 0.38 -15.25 12.60
N LEU B 75 0.81 -16.33 13.28
CA LEU B 75 2.09 -16.98 13.05
C LEU B 75 2.19 -17.51 11.62
N ASN B 76 1.11 -18.07 11.11
CA ASN B 76 1.04 -18.62 9.75
C ASN B 76 1.13 -17.49 8.73
N ASN B 77 0.38 -16.39 8.94
CA ASN B 77 0.38 -15.24 8.04
C ASN B 77 1.76 -14.58 7.98
N LEU B 78 2.52 -14.63 9.08
CA LEU B 78 3.88 -14.13 9.17
C LEU B 78 4.95 -15.10 8.67
N GLY B 79 4.56 -16.29 8.25
CA GLY B 79 5.47 -17.29 7.70
C GLY B 79 6.30 -18.06 8.70
N VAL B 80 5.83 -18.18 9.96
CA VAL B 80 6.52 -18.95 10.99
C VAL B 80 6.52 -20.45 10.68
N ASP B 81 7.71 -21.05 10.64
CA ASP B 81 7.85 -22.48 10.35
C ASP B 81 8.03 -23.33 11.59
N ILE B 82 8.63 -22.76 12.63
CA ILE B 82 9.04 -23.47 13.84
C ILE B 82 9.19 -22.47 14.99
N ALA B 83 9.13 -22.95 16.22
CA ALA B 83 9.33 -22.10 17.40
C ALA B 83 10.65 -22.44 18.05
N ALA B 84 11.26 -21.44 18.69
CA ALA B 84 12.50 -21.64 19.40
C ALA B 84 12.21 -22.12 20.82
N ASN B 85 12.56 -23.38 21.10
CA ASN B 85 12.52 -24.01 22.42
C ASN B 85 11.18 -23.97 23.14
N THR B 86 10.10 -24.05 22.40
CA THR B 86 8.74 -24.12 22.92
C THR B 86 7.85 -24.87 21.90
N VAL B 87 6.62 -25.20 22.29
CA VAL B 87 5.66 -25.80 21.38
C VAL B 87 4.45 -24.88 21.35
N ILE B 88 4.09 -24.38 20.15
CA ILE B 88 2.86 -23.61 20.02
C ILE B 88 1.80 -24.65 19.70
N TRP B 89 0.98 -24.98 20.69
CA TRP B 89 -0.06 -25.94 20.51
C TRP B 89 -1.25 -25.27 19.80
N ASP B 90 -1.73 -25.93 18.74
CA ASP B 90 -2.86 -25.48 17.97
C ASP B 90 -4.14 -26.16 18.51
N TYR B 91 -4.90 -25.41 19.32
CA TYR B 91 -6.12 -25.90 19.94
C TYR B 91 -7.28 -26.08 18.97
N LYS B 92 -7.21 -25.42 17.80
CA LYS B 92 -8.20 -25.59 16.76
C LYS B 92 -8.00 -26.91 16.04
N ARG B 93 -6.74 -27.34 15.86
CA ARG B 93 -6.47 -28.63 15.24
C ARG B 93 -6.15 -29.74 16.22
N ASP B 94 -6.03 -29.43 17.54
CA ASP B 94 -5.64 -30.39 18.58
CA ASP B 94 -5.66 -30.39 18.58
C ASP B 94 -4.31 -31.03 18.19
N ALA B 95 -3.38 -30.20 17.75
CA ALA B 95 -2.10 -30.67 17.26
C ALA B 95 -1.05 -29.61 17.39
N PRO B 96 0.24 -29.96 17.33
CA PRO B 96 1.29 -28.92 17.34
C PRO B 96 1.12 -28.01 16.11
N ALA B 97 1.31 -26.69 16.25
CA ALA B 97 1.16 -25.76 15.13
C ALA B 97 2.22 -25.95 14.06
N HIS B 98 3.39 -26.44 14.47
CA HIS B 98 4.55 -26.63 13.61
C HIS B 98 4.94 -28.10 13.57
N ILE B 99 5.48 -28.57 12.43
CA ILE B 99 5.91 -29.96 12.23
C ILE B 99 7.07 -30.39 13.14
N SER B 100 8.10 -29.54 13.24
CA SER B 100 9.30 -29.84 13.98
C SER B 100 9.47 -28.96 15.19
N THR B 101 10.47 -29.31 16.01
CA THR B 101 10.78 -28.53 17.19
C THR B 101 12.31 -28.21 17.26
N ILE B 102 12.67 -27.31 18.18
CA ILE B 102 14.04 -26.94 18.47
C ILE B 102 14.13 -27.03 19.98
N GLY B 103 14.94 -27.94 20.50
CA GLY B 103 15.17 -28.10 21.94
C GLY B 103 13.98 -28.50 22.78
N VAL B 104 13.03 -29.27 22.21
CA VAL B 104 11.83 -29.70 22.91
C VAL B 104 11.68 -31.24 23.09
N CYS B 105 11.72 -32.01 22.00
CA CYS B 105 11.43 -33.43 22.01
C CYS B 105 12.41 -34.12 21.08
N SER B 106 13.06 -35.19 21.53
CA SER B 106 14.04 -35.91 20.71
C SER B 106 13.50 -36.50 19.41
N MET B 107 12.18 -36.78 19.35
CA MET B 107 11.59 -37.33 18.14
C MET B 107 11.30 -36.27 17.09
N THR B 108 11.00 -35.04 17.50
CA THR B 108 10.61 -34.00 16.56
C THR B 108 11.67 -32.93 16.33
N ASP B 109 12.68 -32.84 17.22
CA ASP B 109 13.74 -31.84 17.12
C ASP B 109 14.56 -31.96 15.87
N ILE B 110 14.74 -30.85 15.18
CA ILE B 110 15.66 -30.76 14.07
C ILE B 110 17.00 -30.13 14.54
N ALA B 111 17.01 -29.51 15.73
CA ALA B 111 18.10 -28.82 16.39
C ALA B 111 17.81 -28.72 17.90
N LYS B 112 18.83 -28.45 18.72
CA LYS B 112 18.71 -28.19 20.15
C LYS B 112 18.59 -26.65 20.36
N LYS B 113 19.33 -25.86 19.56
CA LYS B 113 19.34 -24.40 19.63
C LYS B 113 19.02 -23.81 18.25
N PRO B 114 18.27 -22.68 18.19
CA PRO B 114 17.93 -22.10 16.88
C PRO B 114 19.10 -21.51 16.07
N THR B 115 20.32 -21.57 16.62
CA THR B 115 21.54 -21.09 15.96
C THR B 115 22.14 -22.15 15.03
N GLU B 116 21.68 -23.43 15.12
CA GLU B 116 22.14 -24.51 14.27
C GLU B 116 21.75 -24.24 12.83
N THR B 117 22.65 -24.56 11.87
CA THR B 117 22.50 -24.21 10.47
C THR B 117 21.19 -24.72 9.83
N ILE B 118 20.55 -25.79 10.36
CA ILE B 118 19.26 -26.25 9.82
C ILE B 118 18.15 -25.20 10.03
N CYS B 119 18.27 -24.37 11.06
CA CYS B 119 17.29 -23.33 11.36
C CYS B 119 17.50 -22.05 10.57
N ALA B 120 18.69 -21.86 9.96
CA ALA B 120 18.98 -20.61 9.24
C ALA B 120 17.96 -20.29 8.15
N PRO B 121 17.49 -21.24 7.31
CA PRO B 121 16.47 -20.89 6.29
C PRO B 121 15.03 -20.81 6.80
N LEU B 122 14.77 -21.39 7.98
CA LEU B 122 13.42 -21.41 8.54
C LEU B 122 13.10 -20.14 9.30
N THR B 123 11.84 -19.69 9.22
CA THR B 123 11.42 -18.54 10.01
C THR B 123 11.11 -19.05 11.42
N VAL B 124 12.04 -18.81 12.34
CA VAL B 124 11.93 -19.23 13.71
C VAL B 124 11.16 -18.20 14.53
N PHE B 125 10.24 -18.65 15.38
CA PHE B 125 9.49 -17.78 16.26
C PHE B 125 10.32 -17.61 17.53
N PHE B 126 10.57 -16.36 17.91
CA PHE B 126 11.30 -15.96 19.11
C PHE B 126 10.35 -15.17 20.00
N ASP B 127 10.49 -15.39 21.30
CA ASP B 127 9.68 -14.80 22.35
C ASP B 127 10.60 -13.99 23.26
N GLY B 128 10.51 -12.67 23.15
CA GLY B 128 11.29 -11.72 23.92
C GLY B 128 11.10 -11.83 25.41
N ARG B 129 9.99 -12.47 25.85
CA ARG B 129 9.73 -12.71 27.25
C ARG B 129 10.64 -13.82 27.84
N VAL B 130 11.35 -14.58 26.98
CA VAL B 130 12.30 -15.60 27.38
C VAL B 130 13.68 -14.99 27.26
N ASP B 131 14.52 -15.14 28.29
CA ASP B 131 15.87 -14.63 28.29
C ASP B 131 16.70 -15.11 27.10
N GLY B 132 17.38 -14.15 26.46
CA GLY B 132 18.25 -14.42 25.32
C GLY B 132 17.59 -14.55 23.96
N GLN B 133 16.25 -14.58 23.90
CA GLN B 133 15.56 -14.78 22.62
C GLN B 133 15.55 -13.55 21.71
N VAL B 134 15.62 -12.34 22.28
CA VAL B 134 15.71 -11.14 21.47
C VAL B 134 17.08 -11.14 20.76
N ASP B 135 18.16 -11.51 21.49
CA ASP B 135 19.50 -11.63 20.92
C ASP B 135 19.58 -12.73 19.86
N LEU B 136 18.89 -13.87 20.06
CA LEU B 136 18.83 -14.96 19.10
C LEU B 136 18.13 -14.49 17.80
N PHE B 137 17.08 -13.67 17.93
CA PHE B 137 16.41 -13.10 16.77
C PHE B 137 17.36 -12.12 16.05
N ARG B 138 18.11 -11.32 16.83
CA ARG B 138 19.06 -10.36 16.30
C ARG B 138 20.13 -11.03 15.44
N ASN B 139 20.50 -12.27 15.76
CA ASN B 139 21.50 -13.00 14.98
C ASN B 139 20.90 -14.00 13.98
N ALA B 140 19.58 -14.25 14.05
CA ALA B 140 18.91 -15.18 13.15
C ALA B 140 18.76 -14.59 11.77
N ARG B 141 18.88 -15.44 10.75
CA ARG B 141 18.71 -14.99 9.37
C ARG B 141 17.21 -14.78 9.11
N ASN B 142 16.37 -15.72 9.58
CA ASN B 142 14.92 -15.62 9.40
C ASN B 142 14.26 -15.86 10.73
N GLY B 143 13.27 -15.03 11.02
CA GLY B 143 12.55 -15.15 12.26
C GLY B 143 11.46 -14.13 12.45
N VAL B 144 10.60 -14.41 13.43
CA VAL B 144 9.51 -13.54 13.87
C VAL B 144 9.71 -13.41 15.37
N LEU B 145 9.80 -12.17 15.85
CA LEU B 145 10.00 -11.91 17.26
C LEU B 145 8.78 -11.21 17.86
N ILE B 146 8.35 -11.65 19.05
CA ILE B 146 7.34 -10.92 19.81
C ILE B 146 7.97 -10.37 21.09
N THR B 147 7.57 -9.16 21.47
CA THR B 147 8.07 -8.57 22.72
C THR B 147 6.93 -7.84 23.44
N GLU B 148 7.08 -7.61 24.74
CA GLU B 148 6.12 -6.85 25.51
C GLU B 148 6.41 -5.35 25.44
N GLY B 149 7.67 -4.98 25.24
CA GLY B 149 8.09 -3.60 25.13
C GLY B 149 9.02 -3.34 23.98
N SER B 150 9.82 -2.27 24.09
CA SER B 150 10.71 -1.83 23.02
C SER B 150 11.97 -2.66 22.86
N VAL B 151 12.49 -2.67 21.63
CA VAL B 151 13.72 -3.34 21.26
C VAL B 151 14.60 -2.27 20.64
N LYS B 152 15.78 -2.02 21.23
CA LYS B 152 16.71 -0.99 20.78
C LYS B 152 17.03 -1.12 19.30
N GLY B 153 16.85 -0.03 18.56
CA GLY B 153 17.07 0.06 17.13
C GLY B 153 15.92 -0.39 16.24
N LEU B 154 15.23 -1.45 16.65
CA LEU B 154 14.12 -1.99 15.88
C LEU B 154 12.81 -1.24 16.07
N GLN B 155 12.15 -0.94 14.95
CA GLN B 155 10.82 -0.31 15.00
C GLN B 155 9.76 -1.41 15.10
N PRO B 156 8.83 -1.28 16.04
CA PRO B 156 7.85 -2.34 16.25
C PRO B 156 6.61 -2.22 15.40
N SER B 157 5.95 -3.34 15.23
CA SER B 157 4.63 -3.38 14.61
C SER B 157 3.74 -3.78 15.78
N VAL B 158 2.76 -2.95 16.12
CA VAL B 158 1.86 -3.27 17.22
C VAL B 158 0.93 -4.36 16.73
N GLY B 159 0.94 -5.51 17.40
CA GLY B 159 0.12 -6.64 17.03
C GLY B 159 -1.29 -6.52 17.54
N PRO B 160 -2.07 -7.60 17.40
CA PRO B 160 -3.44 -7.57 17.91
C PRO B 160 -3.51 -7.45 19.45
N LYS B 161 -4.64 -6.98 19.98
CA LYS B 161 -4.83 -6.86 21.43
C LYS B 161 -4.90 -8.22 22.11
N GLN B 162 -5.39 -9.24 21.39
CA GLN B 162 -5.60 -10.57 21.90
C GLN B 162 -4.47 -11.55 21.60
N ALA B 163 -4.38 -12.57 22.44
CA ALA B 163 -3.46 -13.69 22.28
C ALA B 163 -4.19 -14.96 22.79
N SER B 164 -3.63 -16.13 22.47
CA SER B 164 -4.18 -17.39 22.94
C SER B 164 -3.48 -17.82 24.24
N LEU B 165 -4.24 -18.04 25.31
CA LEU B 165 -3.70 -18.55 26.56
C LEU B 165 -4.37 -19.89 26.82
N ASN B 166 -3.65 -20.99 26.61
CA ASN B 166 -4.20 -22.34 26.81
C ASN B 166 -5.44 -22.61 25.97
N GLY B 167 -5.47 -22.05 24.77
CA GLY B 167 -6.59 -22.24 23.86
C GLY B 167 -7.69 -21.24 24.00
N VAL B 168 -7.57 -20.30 24.93
CA VAL B 168 -8.57 -19.26 25.13
C VAL B 168 -8.02 -17.98 24.54
N THR B 169 -8.69 -17.44 23.52
CA THR B 169 -8.27 -16.18 22.94
C THR B 169 -8.85 -15.09 23.82
N LEU B 170 -7.97 -14.22 24.34
CA LEU B 170 -8.42 -13.17 25.24
C LEU B 170 -7.56 -11.93 25.15
N ILE B 171 -8.12 -10.82 25.62
CA ILE B 171 -7.40 -9.57 25.74
C ILE B 171 -7.06 -9.52 27.22
N GLY B 172 -5.79 -9.69 27.50
CA GLY B 172 -5.28 -9.78 28.85
C GLY B 172 -5.50 -8.58 29.74
N GLU B 173 -5.89 -8.85 30.98
CA GLU B 173 -6.05 -7.84 32.02
C GLU B 173 -5.01 -8.11 33.10
N ALA B 174 -4.86 -9.38 33.50
CA ALA B 174 -3.86 -9.80 34.48
C ALA B 174 -2.52 -10.17 33.82
N VAL B 175 -2.51 -10.37 32.48
CA VAL B 175 -1.37 -10.72 31.63
C VAL B 175 -1.36 -9.81 30.40
N LYS B 176 -0.16 -9.62 29.82
CA LYS B 176 -0.03 -8.85 28.60
C LYS B 176 -0.25 -9.79 27.42
N THR B 177 -1.16 -9.41 26.49
CA THR B 177 -1.48 -10.15 25.28
C THR B 177 -1.17 -9.34 24.00
N GLN B 178 -0.90 -7.99 24.12
CA GLN B 178 -0.58 -7.20 22.94
C GLN B 178 0.93 -7.16 22.77
N PHE B 179 1.43 -7.74 21.66
CA PHE B 179 2.87 -7.80 21.46
C PHE B 179 3.38 -6.87 20.38
N ASN B 180 4.68 -6.61 20.42
CA ASN B 180 5.34 -5.90 19.35
C ASN B 180 5.84 -7.02 18.46
N TYR B 181 5.65 -6.86 17.17
CA TYR B 181 6.07 -7.85 16.19
C TYR B 181 7.23 -7.31 15.41
N TYR B 182 8.17 -8.20 15.15
CA TYR B 182 9.37 -7.94 14.38
C TYR B 182 9.57 -9.14 13.47
N LYS B 183 10.06 -8.90 12.25
CA LYS B 183 10.27 -9.99 11.31
C LYS B 183 11.56 -9.76 10.57
N LYS B 184 12.30 -10.83 10.29
CA LYS B 184 13.54 -10.78 9.54
C LYS B 184 13.49 -11.81 8.46
N VAL B 185 13.85 -11.40 7.24
CA VAL B 185 13.94 -12.26 6.06
C VAL B 185 15.36 -12.07 5.54
N ASP B 186 16.13 -13.16 5.39
CA ASP B 186 17.50 -13.16 4.88
C ASP B 186 18.46 -12.16 5.58
N GLY B 187 18.34 -12.06 6.90
CA GLY B 187 19.16 -11.19 7.72
C GLY B 187 18.72 -9.73 7.78
N VAL B 188 17.66 -9.39 7.04
CA VAL B 188 17.16 -8.03 6.94
C VAL B 188 15.87 -7.85 7.71
N VAL B 189 15.84 -6.88 8.63
CA VAL B 189 14.65 -6.54 9.39
C VAL B 189 13.62 -5.98 8.42
N GLN B 190 12.41 -6.50 8.47
CA GLN B 190 11.35 -6.08 7.57
C GLN B 190 10.52 -4.97 8.17
N GLN B 191 9.97 -4.14 7.30
CA GLN B 191 9.00 -3.15 7.71
C GLN B 191 7.70 -3.91 7.53
N LEU B 192 7.06 -4.34 8.64
CA LEU B 192 5.78 -5.04 8.53
C LEU B 192 4.72 -4.07 8.02
N PRO B 193 3.79 -4.55 7.19
CA PRO B 193 2.81 -3.63 6.61
C PRO B 193 1.77 -3.12 7.59
N GLU B 194 1.04 -2.07 7.18
CA GLU B 194 -0.16 -1.58 7.83
C GLU B 194 -1.18 -2.72 7.73
N THR B 195 -1.87 -3.03 8.82
CA THR B 195 -2.78 -4.16 8.82
C THR B 195 -3.96 -3.92 9.70
N TYR B 196 -5.08 -4.50 9.29
CA TYR B 196 -6.24 -4.58 10.13
C TYR B 196 -6.02 -5.91 10.90
N PHE B 197 -6.79 -6.12 11.95
CA PHE B 197 -6.72 -7.35 12.70
C PHE B 197 -8.09 -7.91 12.86
N THR B 198 -8.21 -9.24 12.74
CA THR B 198 -9.46 -9.91 13.03
C THR B 198 -9.59 -9.95 14.57
N GLN B 199 -10.83 -9.93 15.08
CA GLN B 199 -11.14 -9.83 16.50
C GLN B 199 -11.18 -11.17 17.26
N SER B 200 -11.21 -12.31 16.54
CA SER B 200 -11.19 -13.65 17.14
C SER B 200 -12.31 -13.94 18.15
N ARG B 201 -13.50 -13.42 17.91
CA ARG B 201 -14.64 -13.65 18.78
C ARG B 201 -15.42 -14.94 18.41
N ASN B 202 -16.25 -15.42 19.35
CA ASN B 202 -17.12 -16.60 19.20
C ASN B 202 -18.51 -16.09 18.89
N LEU B 203 -19.34 -16.95 18.31
CA LEU B 203 -20.72 -16.66 18.01
C LEU B 203 -21.55 -16.63 19.32
N GLN B 204 -21.29 -17.60 20.21
CA GLN B 204 -22.00 -17.75 21.47
C GLN B 204 -21.61 -16.69 22.51
N GLU B 205 -20.32 -16.29 22.54
CA GLU B 205 -19.85 -15.33 23.53
C GLU B 205 -19.53 -13.97 22.89
N PHE B 206 -20.25 -13.59 21.83
CA PHE B 206 -19.96 -12.35 21.13
C PHE B 206 -20.20 -11.06 21.93
N LYS B 207 -19.15 -10.24 22.06
CA LYS B 207 -19.28 -8.94 22.71
C LYS B 207 -18.86 -7.81 21.78
N PRO B 208 -19.68 -6.76 21.69
CA PRO B 208 -19.32 -5.62 20.85
C PRO B 208 -18.08 -4.89 21.40
N ARG B 209 -17.21 -4.38 20.50
CA ARG B 209 -16.00 -3.69 20.91
C ARG B 209 -15.93 -2.23 20.43
N SER B 210 -17.09 -1.63 20.15
CA SER B 210 -17.21 -0.24 19.72
C SER B 210 -18.67 0.22 19.84
N GLN B 211 -18.92 1.55 19.79
CA GLN B 211 -20.30 2.05 19.85
C GLN B 211 -21.06 1.60 18.60
N MET B 212 -20.41 1.56 17.42
CA MET B 212 -21.05 1.11 16.20
C MET B 212 -21.50 -0.36 16.32
N GLU B 213 -20.69 -1.21 16.97
CA GLU B 213 -21.02 -2.63 17.15
C GLU B 213 -22.15 -2.82 18.15
N ILE B 214 -22.23 -1.94 19.17
CA ILE B 214 -23.31 -1.96 20.17
C ILE B 214 -24.61 -1.60 19.43
N ASP B 215 -24.57 -0.57 18.57
CA ASP B 215 -25.70 -0.12 17.78
C ASP B 215 -26.14 -1.18 16.77
N PHE B 216 -25.20 -1.93 16.19
CA PHE B 216 -25.55 -2.98 15.23
C PHE B 216 -26.39 -4.07 15.91
N LEU B 217 -25.95 -4.52 17.09
CA LEU B 217 -26.62 -5.55 17.86
C LEU B 217 -27.95 -5.07 18.46
N GLU B 218 -28.05 -3.77 18.79
CA GLU B 218 -29.26 -3.25 19.43
C GLU B 218 -30.31 -2.73 18.45
N LEU B 219 -29.92 -1.90 17.51
CA LEU B 219 -30.86 -1.31 16.56
C LEU B 219 -31.38 -2.30 15.53
N ALA B 220 -32.50 -1.94 14.89
CA ALA B 220 -33.05 -2.72 13.79
C ALA B 220 -32.20 -2.42 12.55
N MET B 221 -32.20 -3.33 11.57
CA MET B 221 -31.40 -3.18 10.36
C MET B 221 -31.49 -1.79 9.70
N ASP B 222 -32.70 -1.31 9.41
CA ASP B 222 -32.88 -0.05 8.71
C ASP B 222 -32.49 1.18 9.53
N GLU B 223 -32.61 1.15 10.87
CA GLU B 223 -32.20 2.31 11.67
C GLU B 223 -30.69 2.33 11.90
N PHE B 224 -30.01 1.17 11.89
CA PHE B 224 -28.55 1.16 12.02
C PHE B 224 -27.94 1.70 10.72
N ILE B 225 -28.44 1.22 9.57
CA ILE B 225 -27.97 1.64 8.25
C ILE B 225 -28.19 3.16 8.08
N GLU B 226 -29.32 3.68 8.57
CA GLU B 226 -29.63 5.09 8.50
C GLU B 226 -28.68 5.88 9.40
N ARG B 227 -28.50 5.45 10.67
CA ARG B 227 -27.60 6.12 11.62
C ARG B 227 -26.18 6.24 11.11
N TYR B 228 -25.67 5.18 10.47
CA TYR B 228 -24.28 5.17 10.02
C TYR B 228 -24.08 5.48 8.55
N LYS B 229 -25.13 6.02 7.87
CA LYS B 229 -25.10 6.43 6.46
C LYS B 229 -24.60 5.32 5.54
N LEU B 230 -25.10 4.10 5.74
CA LEU B 230 -24.66 2.94 4.98
C LEU B 230 -25.55 2.57 3.80
N GLU B 231 -26.45 3.46 3.37
CA GLU B 231 -27.32 3.21 2.22
C GLU B 231 -26.47 3.01 0.96
N GLY B 232 -26.76 1.97 0.18
CA GLY B 232 -26.01 1.68 -1.04
C GLY B 232 -24.77 0.83 -0.84
N TYR B 233 -24.50 0.41 0.41
CA TYR B 233 -23.33 -0.44 0.71
C TYR B 233 -23.64 -1.93 0.87
N ALA B 234 -24.88 -2.35 0.60
CA ALA B 234 -25.36 -3.73 0.67
C ALA B 234 -25.15 -4.42 2.03
N PHE B 235 -25.24 -3.66 3.13
CA PHE B 235 -25.10 -4.26 4.47
C PHE B 235 -26.24 -5.23 4.77
N GLU B 236 -27.42 -4.99 4.16
CA GLU B 236 -28.60 -5.86 4.28
C GLU B 236 -28.24 -7.30 3.84
N HIS B 237 -27.46 -7.41 2.75
CA HIS B 237 -26.99 -8.66 2.18
C HIS B 237 -25.68 -9.15 2.86
N ILE B 238 -24.58 -8.36 2.78
CA ILE B 238 -23.25 -8.66 3.31
C ILE B 238 -23.19 -8.93 4.81
N VAL B 239 -23.75 -8.02 5.63
CA VAL B 239 -23.62 -8.14 7.08
C VAL B 239 -24.83 -8.80 7.75
N TYR B 240 -26.04 -8.36 7.40
CA TYR B 240 -27.25 -8.91 8.00
C TYR B 240 -27.61 -10.32 7.46
N GLY B 241 -27.41 -10.53 6.17
CA GLY B 241 -27.73 -11.81 5.56
C GLY B 241 -29.10 -11.81 4.93
N ASP B 242 -29.23 -12.49 3.83
CA ASP B 242 -30.49 -12.62 3.12
C ASP B 242 -30.93 -14.08 3.26
N PHE B 243 -32.01 -14.31 4.02
CA PHE B 243 -32.51 -15.66 4.24
C PHE B 243 -33.77 -15.96 3.45
N SER B 244 -34.07 -15.17 2.40
CA SER B 244 -35.29 -15.33 1.63
C SER B 244 -35.20 -16.33 0.49
N HIS B 245 -34.00 -16.63 -0.02
CA HIS B 245 -33.84 -17.60 -1.11
C HIS B 245 -33.22 -18.90 -0.60
N SER B 246 -33.25 -19.95 -1.43
CA SER B 246 -32.68 -21.24 -1.04
C SER B 246 -31.19 -21.11 -0.75
N GLN B 247 -30.47 -20.28 -1.53
CA GLN B 247 -29.08 -20.00 -1.23
C GLN B 247 -29.03 -18.75 -0.33
N LEU B 248 -28.39 -18.90 0.84
CA LEU B 248 -28.23 -17.84 1.84
C LEU B 248 -27.39 -16.74 1.23
N GLY B 249 -27.92 -15.53 1.25
CA GLY B 249 -27.27 -14.38 0.69
C GLY B 249 -26.37 -13.68 1.69
N GLY B 250 -25.16 -13.33 1.25
CA GLY B 250 -24.19 -12.63 2.06
C GLY B 250 -23.80 -13.35 3.33
N LEU B 251 -23.87 -12.61 4.46
CA LEU B 251 -23.54 -13.07 5.81
C LEU B 251 -22.03 -13.42 5.95
N HIS B 252 -21.19 -12.41 5.73
CA HIS B 252 -19.75 -12.60 5.75
C HIS B 252 -19.02 -11.99 6.93
N LEU B 253 -19.73 -11.27 7.80
CA LEU B 253 -19.11 -10.66 8.96
C LEU B 253 -19.62 -11.34 10.22
N LEU B 254 -18.73 -11.79 11.11
CA LEU B 254 -19.14 -12.49 12.32
C LEU B 254 -20.21 -11.78 13.15
N ILE B 255 -20.14 -10.44 13.29
CA ILE B 255 -21.14 -9.69 14.06
C ILE B 255 -22.58 -9.92 13.50
N GLY B 256 -22.71 -10.09 12.19
CA GLY B 256 -24.01 -10.35 11.58
C GLY B 256 -24.53 -11.74 11.90
N LEU B 257 -23.64 -12.72 11.98
CA LEU B 257 -23.98 -14.08 12.37
C LEU B 257 -24.38 -14.09 13.85
N ALA B 258 -23.67 -13.31 14.69
CA ALA B 258 -23.94 -13.17 16.12
C ALA B 258 -25.31 -12.54 16.35
N LYS B 259 -25.69 -11.55 15.52
CA LYS B 259 -26.99 -10.90 15.65
C LYS B 259 -28.11 -11.92 15.33
N ARG B 260 -27.96 -12.65 14.22
CA ARG B 260 -28.90 -13.66 13.76
C ARG B 260 -29.04 -14.77 14.81
N PHE B 261 -27.91 -15.19 15.40
CA PHE B 261 -27.84 -16.23 16.41
C PHE B 261 -28.70 -15.96 17.66
N LYS B 262 -28.84 -14.69 18.06
CA LYS B 262 -29.70 -14.32 19.19
C LYS B 262 -31.15 -14.63 18.86
N GLU B 263 -31.58 -14.36 17.61
CA GLU B 263 -32.94 -14.62 17.18
C GLU B 263 -33.20 -16.11 16.92
N SER B 264 -32.45 -16.73 16.00
CA SER B 264 -32.64 -18.12 15.67
C SER B 264 -31.31 -18.83 15.39
N PRO B 265 -31.24 -20.14 15.69
CA PRO B 265 -29.98 -20.86 15.51
C PRO B 265 -29.70 -21.27 14.08
N PHE B 266 -28.45 -21.63 13.80
CA PHE B 266 -28.05 -22.12 12.50
C PHE B 266 -26.84 -23.04 12.63
N GLU B 267 -26.69 -23.93 11.65
CA GLU B 267 -25.61 -24.89 11.62
C GLU B 267 -24.43 -24.30 10.86
N LEU B 268 -23.22 -24.32 11.44
CA LEU B 268 -22.00 -23.87 10.78
C LEU B 268 -21.07 -25.07 10.63
N GLU B 269 -20.96 -25.66 9.43
CA GLU B 269 -20.04 -26.78 9.24
C GLU B 269 -18.65 -26.26 8.89
N ASP B 270 -17.71 -26.44 9.82
CA ASP B 270 -16.34 -26.03 9.69
C ASP B 270 -15.59 -27.17 8.96
N PHE B 271 -15.70 -27.23 7.61
CA PHE B 271 -15.14 -28.31 6.82
C PHE B 271 -13.59 -28.31 6.73
N ILE B 272 -12.91 -27.19 7.03
CA ILE B 272 -11.44 -27.14 7.10
C ILE B 272 -11.15 -26.59 8.50
N PRO B 273 -11.22 -27.43 9.54
CA PRO B 273 -11.07 -26.91 10.91
C PRO B 273 -9.64 -26.54 11.34
N MET B 274 -9.26 -25.36 10.98
CA MET B 274 -7.98 -24.78 11.29
C MET B 274 -8.15 -23.29 11.61
N ASP B 275 -7.15 -22.69 12.24
CA ASP B 275 -7.18 -21.28 12.54
C ASP B 275 -6.83 -20.51 11.27
N SER B 276 -7.71 -19.62 10.81
CA SER B 276 -7.39 -18.78 9.66
C SER B 276 -8.13 -17.45 9.69
N THR B 277 -7.51 -16.39 9.16
CA THR B 277 -8.06 -15.02 9.10
C THR B 277 -9.47 -15.02 8.55
N VAL B 278 -9.68 -15.77 7.48
CA VAL B 278 -10.98 -15.95 6.88
C VAL B 278 -11.42 -17.39 7.09
N LYS B 279 -12.63 -17.59 7.59
CA LYS B 279 -13.15 -18.94 7.82
C LYS B 279 -14.22 -19.30 6.80
N ASN B 280 -14.32 -20.57 6.41
CA ASN B 280 -15.36 -20.99 5.46
C ASN B 280 -16.30 -21.96 6.12
N TYR B 281 -17.60 -21.68 6.06
CA TYR B 281 -18.57 -22.60 6.66
C TYR B 281 -19.64 -23.03 5.70
N PHE B 282 -20.13 -24.26 5.86
CA PHE B 282 -21.28 -24.75 5.11
C PHE B 282 -22.41 -24.40 6.07
N ILE B 283 -23.10 -23.29 5.82
CA ILE B 283 -24.12 -22.81 6.74
C ILE B 283 -25.55 -23.21 6.35
N THR B 284 -26.34 -23.66 7.34
CA THR B 284 -27.73 -24.00 7.13
C THR B 284 -28.51 -23.20 8.17
N ASP B 285 -29.37 -22.30 7.74
CA ASP B 285 -30.20 -21.53 8.66
C ASP B 285 -31.40 -22.40 9.11
N ALA B 286 -31.53 -22.68 10.43
CA ALA B 286 -32.60 -23.55 10.91
C ALA B 286 -34.03 -23.00 10.75
N GLN B 287 -34.20 -21.67 10.79
CA GLN B 287 -35.52 -21.08 10.69
C GLN B 287 -36.09 -21.14 9.26
N THR B 288 -35.28 -20.78 8.27
CA THR B 288 -35.74 -20.67 6.90
C THR B 288 -35.37 -21.84 6.01
N GLY B 289 -34.25 -22.48 6.31
CA GLY B 289 -33.71 -23.53 5.45
C GLY B 289 -32.83 -22.96 4.35
N SER B 290 -32.51 -21.66 4.42
CA SER B 290 -31.62 -20.98 3.51
C SER B 290 -30.22 -21.53 3.83
N SER B 291 -29.43 -21.93 2.82
CA SER B 291 -28.12 -22.50 3.07
C SER B 291 -27.05 -22.10 2.05
N LYS B 292 -25.77 -22.24 2.40
CA LYS B 292 -24.67 -21.91 1.48
C LYS B 292 -23.49 -22.84 1.78
N CYS B 293 -22.99 -23.55 0.77
CA CYS B 293 -21.89 -24.52 0.92
C CYS B 293 -20.61 -23.90 1.42
N VAL B 294 -20.26 -22.75 0.87
CA VAL B 294 -19.04 -22.06 1.24
C VAL B 294 -19.38 -20.62 1.57
N CYS B 295 -19.60 -20.35 2.84
CA CYS B 295 -19.88 -19.00 3.30
C CYS B 295 -18.64 -18.48 4.02
N SER B 296 -17.90 -17.61 3.37
CA SER B 296 -16.71 -17.04 3.95
C SER B 296 -17.09 -16.03 5.05
N VAL B 297 -16.49 -16.16 6.23
CA VAL B 297 -16.78 -15.32 7.38
C VAL B 297 -15.48 -14.75 7.94
N ILE B 298 -15.47 -13.46 8.17
CA ILE B 298 -14.35 -12.78 8.78
C ILE B 298 -14.88 -12.02 10.01
N ASP B 299 -14.09 -12.00 11.08
CA ASP B 299 -14.46 -11.24 12.25
C ASP B 299 -13.64 -9.96 12.28
N LEU B 300 -14.11 -8.96 11.57
CA LEU B 300 -13.51 -7.66 11.60
C LEU B 300 -14.37 -6.82 12.52
N LEU B 301 -13.76 -5.82 13.20
CA LEU B 301 -14.51 -4.82 13.97
C LEU B 301 -15.38 -4.09 12.94
N LEU B 302 -16.68 -3.95 13.20
CA LEU B 302 -17.60 -3.40 12.22
C LEU B 302 -17.14 -2.07 11.62
N ASP B 303 -16.47 -1.25 12.43
CA ASP B 303 -15.91 0.04 12.05
C ASP B 303 -14.83 -0.12 11.01
N ASP B 304 -13.99 -1.15 11.16
CA ASP B 304 -12.91 -1.45 10.22
C ASP B 304 -13.49 -1.91 8.90
N PHE B 305 -14.52 -2.77 8.93
CA PHE B 305 -15.19 -3.26 7.73
C PHE B 305 -15.89 -2.10 7.00
N VAL B 306 -16.54 -1.18 7.76
CA VAL B 306 -17.20 0.00 7.21
C VAL B 306 -16.15 0.89 6.54
N GLU B 307 -14.99 1.08 7.20
CA GLU B 307 -13.88 1.87 6.65
C GLU B 307 -13.36 1.26 5.34
N ILE B 308 -13.19 -0.06 5.30
CA ILE B 308 -12.73 -0.77 4.11
C ILE B 308 -13.72 -0.58 2.96
N ILE B 309 -15.01 -0.86 3.19
CA ILE B 309 -16.01 -0.81 2.13
C ILE B 309 -16.25 0.63 1.66
N LYS B 310 -16.17 1.62 2.56
CA LYS B 310 -16.36 3.01 2.18
C LYS B 310 -15.12 3.62 1.48
N SER B 311 -13.98 2.92 1.49
CA SER B 311 -12.77 3.36 0.83
C SER B 311 -12.58 2.69 -0.53
N GLN B 312 -13.64 2.13 -1.12
CA GLN B 312 -13.55 1.47 -2.41
C GLN B 312 -14.25 2.24 -3.51
N ASP B 313 -13.71 2.16 -4.73
CA ASP B 313 -14.32 2.77 -5.89
C ASP B 313 -15.49 1.86 -6.30
N LEU B 314 -16.68 2.43 -6.47
CA LEU B 314 -17.87 1.63 -6.79
C LEU B 314 -18.32 1.69 -8.25
N SER B 315 -17.40 2.02 -9.18
CA SER B 315 -17.77 2.21 -10.58
C SER B 315 -17.56 1.00 -11.51
N VAL B 316 -17.06 -0.13 -11.01
CA VAL B 316 -16.85 -1.31 -11.87
C VAL B 316 -17.77 -2.46 -11.46
N VAL B 317 -18.18 -3.30 -12.41
CA VAL B 317 -19.06 -4.43 -12.12
C VAL B 317 -18.46 -5.41 -11.10
N SER B 318 -17.21 -5.84 -11.33
CA SER B 318 -16.55 -6.76 -10.42
C SER B 318 -15.04 -6.57 -10.41
N LYS B 319 -14.46 -6.59 -9.23
CA LYS B 319 -13.02 -6.49 -9.09
C LYS B 319 -12.51 -7.11 -7.78
N VAL B 320 -11.22 -7.43 -7.74
CA VAL B 320 -10.60 -7.96 -6.55
C VAL B 320 -10.10 -6.77 -5.74
N VAL B 321 -10.44 -6.75 -4.44
CA VAL B 321 -10.02 -5.72 -3.49
C VAL B 321 -9.11 -6.42 -2.50
N LYS B 322 -7.86 -6.03 -2.44
CA LYS B 322 -6.89 -6.62 -1.55
C LYS B 322 -6.75 -5.78 -0.25
N VAL B 323 -6.91 -6.41 0.94
CA VAL B 323 -6.82 -5.74 2.24
C VAL B 323 -5.81 -6.51 3.13
N THR B 324 -4.88 -5.82 3.80
CA THR B 324 -3.96 -6.49 4.73
C THR B 324 -4.69 -6.70 6.04
N ILE B 325 -4.94 -7.98 6.37
CA ILE B 325 -5.62 -8.36 7.61
C ILE B 325 -4.76 -9.42 8.25
N ASP B 326 -4.38 -9.24 9.53
CA ASP B 326 -3.53 -10.17 10.28
C ASP B 326 -2.19 -10.39 9.59
N TYR B 327 -1.65 -9.33 8.97
CA TYR B 327 -0.37 -9.28 8.22
C TYR B 327 -0.40 -9.96 6.87
N THR B 328 -1.50 -10.59 6.49
CA THR B 328 -1.62 -11.28 5.21
C THR B 328 -2.51 -10.51 4.25
N GLU B 329 -2.33 -10.77 2.95
CA GLU B 329 -3.16 -10.14 1.94
C GLU B 329 -4.44 -10.92 1.74
N ILE B 330 -5.57 -10.36 2.15
CA ILE B 330 -6.85 -11.01 1.93
C ILE B 330 -7.49 -10.40 0.68
N SER B 331 -7.93 -11.24 -0.25
CA SER B 331 -8.60 -10.79 -1.45
C SER B 331 -10.09 -10.84 -1.22
N PHE B 332 -10.75 -9.78 -1.62
CA PHE B 332 -12.20 -9.65 -1.53
C PHE B 332 -12.70 -9.45 -2.92
N MET B 333 -13.90 -9.90 -3.14
CA MET B 333 -14.56 -9.71 -4.40
C MET B 333 -15.58 -8.62 -4.18
N LEU B 334 -15.49 -7.52 -4.92
CA LEU B 334 -16.43 -6.41 -4.80
C LEU B 334 -17.29 -6.35 -6.07
N TRP B 335 -18.60 -6.45 -5.90
CA TRP B 335 -19.55 -6.43 -7.01
C TRP B 335 -20.42 -5.21 -6.92
N CYS B 336 -20.40 -4.36 -7.94
CA CYS B 336 -21.16 -3.12 -7.93
C CYS B 336 -22.13 -3.02 -9.10
N LYS B 337 -23.12 -2.15 -8.96
CA LYS B 337 -24.09 -1.86 -10.02
C LYS B 337 -24.58 -0.43 -9.80
N ASP B 338 -24.47 0.42 -10.82
CA ASP B 338 -24.94 1.81 -10.78
C ASP B 338 -24.39 2.62 -9.61
N GLY B 339 -23.14 2.36 -9.25
CA GLY B 339 -22.49 3.08 -8.16
C GLY B 339 -22.84 2.61 -6.75
N HIS B 340 -23.55 1.50 -6.63
CA HIS B 340 -23.87 0.93 -5.33
C HIS B 340 -23.27 -0.48 -5.21
N VAL B 341 -22.95 -0.88 -3.98
CA VAL B 341 -22.44 -2.23 -3.74
C VAL B 341 -23.60 -3.23 -3.88
N GLU B 342 -23.33 -4.39 -4.50
CA GLU B 342 -24.26 -5.50 -4.59
C GLU B 342 -23.79 -6.52 -3.55
N THR B 343 -22.49 -6.86 -3.55
CA THR B 343 -21.86 -7.74 -2.57
C THR B 343 -20.37 -7.44 -2.44
N PHE B 344 -19.80 -7.79 -1.30
CA PHE B 344 -18.39 -7.59 -0.98
C PHE B 344 -18.07 -8.73 -0.05
N TYR B 345 -17.21 -9.65 -0.46
CA TYR B 345 -16.94 -10.84 0.34
C TYR B 345 -15.53 -11.32 0.25
N PRO B 346 -14.98 -11.92 1.33
CA PRO B 346 -13.65 -12.52 1.23
C PRO B 346 -13.66 -13.63 0.17
N LYS B 347 -12.84 -13.43 -0.86
CA LYS B 347 -12.71 -14.27 -2.05
C LYS B 347 -12.39 -15.71 -1.75
N LEU B 348 -13.30 -16.60 -2.21
CA LEU B 348 -13.22 -18.07 -2.09
C LEU B 348 -12.27 -18.50 -3.23
N GLN B 349 -10.95 -18.40 -2.98
CA GLN B 349 -9.94 -18.63 -4.01
C GLN B 349 -8.95 -19.77 -3.71
C1 CIT C . 2.92 18.21 -40.30
O1 CIT C . 3.91 17.44 -39.91
O2 CIT C . 3.01 18.96 -41.26
C2 CIT C . 1.66 18.10 -39.49
C3 CIT C . 1.66 17.21 -38.23
O7 CIT C . 2.58 17.74 -37.26
C4 CIT C . 0.27 17.27 -37.59
C5 CIT C . -0.18 18.65 -37.27
O3 CIT C . 0.52 19.44 -36.68
O4 CIT C . -1.39 18.91 -37.70
C6 CIT C . 2.01 15.75 -38.50
O5 CIT C . 2.80 15.11 -37.84
O6 CIT C . 1.27 15.21 -39.44
C01 WUM D . 15.14 31.76 -10.02
N02 WUM D . 14.24 32.89 -9.74
C03 WUM D . 14.79 34.12 -10.27
C04 WUM D . 13.87 32.99 -8.33
C05 WUM D . 15.09 33.10 -7.41
C06 WUM D . 15.42 32.10 -6.50
S07 WUM D . 16.87 32.66 -5.76
C08 WUM D . 16.93 34.15 -6.64
N09 WUM D . 17.94 35.19 -6.54
N10 WUM D . 15.88 34.17 -7.41
C1 CIT E . -20.47 -15.68 -3.24
O1 CIT E . -20.02 -16.24 -4.21
O2 CIT E . -20.49 -16.24 -2.06
C2 CIT E . -21.05 -14.28 -3.31
C3 CIT E . -22.42 -14.00 -2.66
O7 CIT E . -22.92 -12.78 -3.20
C4 CIT E . -23.34 -15.19 -2.98
C5 CIT E . -24.64 -15.21 -2.26
O3 CIT E . -25.60 -15.85 -2.87
O4 CIT E . -24.80 -14.67 -1.21
C6 CIT E . -22.19 -13.75 -1.20
O5 CIT E . -21.81 -14.84 -0.54
O6 CIT E . -22.23 -12.61 -0.74
C01 WUM F . -8.57 -32.91 23.38
N02 WUM F . -7.83 -33.94 22.66
C03 WUM F . -8.62 -35.17 22.61
C04 WUM F . -6.50 -34.18 23.23
C05 WUM F . -6.47 -34.41 24.76
C06 WUM F . -5.93 -33.50 25.66
S07 WUM F . -6.19 -34.22 27.21
C08 WUM F . -6.95 -35.64 26.59
N09 WUM F . -7.50 -36.78 27.32
N10 WUM F . -6.96 -35.53 25.28
#